data_9PW8
#
_entry.id   9PW8
#
_cell.length_a   123.708
_cell.length_b   123.708
_cell.length_c   137.786
_cell.angle_alpha   90.000
_cell.angle_beta   90.000
_cell.angle_gamma   90.000
#
_symmetry.space_group_name_H-M   'P 4 21 2'
#
loop_
_entity.id
_entity.type
_entity.pdbx_description
1 polymer 'Protein fem-1 homolog B'
2 non-polymer N-(4-fluorophenyl)thiophene-2-carboxamide
#
_entity_poly.entity_id   1
_entity_poly.type   'polypeptide(L)'
_entity_poly.pdbx_seq_one_letter_code
;GHMEGLAGYVYKAASEGKVLTLAALLLNRSESDIRYLLGYVSQQGGQRSTPLIIAARNGHAKVVRLLLEHYRVQTQQTGT
VRFDGYVIDGATALWCAAGAGHFEVVKLLVSHGANVNHTTVTNSTPLRAACFDGRLDIVKYLVENNANISIANKYDNTCL
MIAAYKGHTDVVRYLLEQRADPNAKAHCGATALHFAAEAGHIDIVKELIKWRAAIVVNGHGMTPLKVAAESCKADVVELL
LSHADCDRRSRIEALELLGASFANDRENYDIIKTYHYLYLAMLERFQDGDNILEKEVLPPIHAYGNRTECRNPQELESIR
QDRDALHMEGLIVRERILGGGGSGGGSKKRLLLGLDR
;
_entity_poly.pdbx_strand_id   A,B
#
# COMPACT_ATOMS: atom_id res chain seq x y z
N HIS A 2 17.15 52.91 4.87
CA HIS A 2 18.13 52.94 3.79
C HIS A 2 17.45 52.72 2.44
N MET A 3 18.23 52.32 1.44
CA MET A 3 17.70 51.81 0.18
C MET A 3 17.14 50.39 0.31
N GLU A 4 16.97 49.89 1.54
CA GLU A 4 16.36 48.59 1.75
C GLU A 4 14.89 48.57 1.36
N GLY A 5 14.24 49.72 1.34
CA GLY A 5 12.85 49.76 0.94
C GLY A 5 12.66 49.63 -0.55
N LEU A 6 13.49 50.31 -1.35
CA LEU A 6 13.40 50.19 -2.79
C LEU A 6 13.90 48.84 -3.27
N ALA A 7 14.82 48.22 -2.52
CA ALA A 7 15.26 46.87 -2.84
C ALA A 7 14.13 45.87 -2.67
N GLY A 8 13.35 46.03 -1.60
CA GLY A 8 12.15 45.21 -1.45
C GLY A 8 11.20 45.34 -2.62
N TYR A 9 11.15 46.53 -3.24
CA TYR A 9 10.22 46.76 -4.33
C TYR A 9 10.66 46.04 -5.60
N VAL A 10 11.96 46.00 -5.89
CA VAL A 10 12.40 45.34 -7.12
C VAL A 10 12.29 43.83 -6.99
N TYR A 11 12.39 43.29 -5.76
CA TYR A 11 12.11 41.88 -5.56
C TYR A 11 10.65 41.58 -5.85
N LYS A 12 9.74 42.44 -5.37
CA LYS A 12 8.32 42.24 -5.62
C LYS A 12 8.03 42.22 -7.11
N ALA A 13 8.61 43.16 -7.87
CA ALA A 13 8.41 43.19 -9.31
C ALA A 13 8.97 41.94 -9.97
N ALA A 14 10.10 41.43 -9.46
CA ALA A 14 10.72 40.25 -10.07
C ALA A 14 9.88 39.00 -9.83
N SER A 15 9.45 38.78 -8.59
CA SER A 15 8.67 37.58 -8.26
C SER A 15 7.34 37.55 -9.00
N GLU A 16 6.69 38.71 -9.18
CA GLU A 16 5.38 38.74 -9.83
C GLU A 16 5.48 38.89 -11.35
N GLY A 17 6.68 39.02 -11.90
CA GLY A 17 6.84 39.05 -13.34
C GLY A 17 6.44 40.35 -14.00
N LYS A 18 6.55 41.47 -13.29
CA LYS A 18 6.16 42.77 -13.84
C LYS A 18 7.41 43.42 -14.42
N VAL A 19 7.80 42.93 -15.60
CA VAL A 19 9.01 43.41 -16.27
C VAL A 19 9.04 44.93 -16.38
N LEU A 20 7.94 45.53 -16.86
CA LEU A 20 7.88 46.98 -16.98
C LEU A 20 8.06 47.67 -15.64
N THR A 21 7.46 47.09 -14.58
CA THR A 21 7.58 47.67 -13.26
C THR A 21 9.01 47.56 -12.73
N LEU A 22 9.63 46.39 -12.91
CA LEU A 22 11.03 46.21 -12.52
C LEU A 22 11.92 47.21 -13.25
N ALA A 23 11.76 47.32 -14.56
CA ALA A 23 12.58 48.23 -15.36
C ALA A 23 12.41 49.66 -14.91
N ALA A 24 11.19 50.06 -14.54
CA ALA A 24 10.95 51.43 -14.08
C ALA A 24 11.72 51.73 -12.80
N LEU A 25 12.00 50.70 -11.99
CA LEU A 25 12.69 50.91 -10.72
C LEU A 25 14.19 51.05 -10.88
N LEU A 26 14.79 50.40 -11.88
CA LEU A 26 16.23 50.31 -11.95
C LEU A 26 16.90 51.31 -12.88
N LEU A 27 16.17 52.16 -13.60
CA LEU A 27 16.81 52.78 -14.77
C LEU A 27 17.73 53.94 -14.37
N ASN A 28 17.33 54.77 -13.42
CA ASN A 28 18.19 55.88 -13.07
C ASN A 28 18.89 55.58 -11.74
N ARG A 29 19.63 54.49 -11.79
CA ARG A 29 20.41 53.98 -10.66
C ARG A 29 21.84 53.80 -11.13
N SER A 30 22.78 54.25 -10.30
CA SER A 30 24.19 53.99 -10.55
C SER A 30 24.43 52.48 -10.58
N GLU A 31 25.44 52.06 -11.34
CA GLU A 31 25.79 50.64 -11.38
C GLU A 31 26.08 50.08 -9.99
N SER A 32 26.56 50.95 -9.10
CA SER A 32 26.71 50.57 -7.70
C SER A 32 25.35 50.24 -7.07
N ASP A 33 24.35 51.10 -7.30
CA ASP A 33 23.05 50.88 -6.67
C ASP A 33 22.35 49.65 -7.26
N ILE A 34 22.45 49.45 -8.58
CA ILE A 34 21.75 48.32 -9.19
C ILE A 34 22.25 47.00 -8.61
N ARG A 35 23.53 46.94 -8.21
CA ARG A 35 24.04 45.71 -7.62
C ARG A 35 23.48 45.47 -6.22
N TYR A 36 23.20 46.53 -5.45
CA TYR A 36 22.48 46.34 -4.19
C TYR A 36 21.06 45.88 -4.48
N LEU A 37 20.36 46.58 -5.37
CA LEU A 37 18.98 46.23 -5.67
C LEU A 37 18.86 44.80 -6.21
N LEU A 38 19.78 44.40 -7.09
CA LEU A 38 19.74 43.10 -7.74
C LEU A 38 20.52 42.02 -7.00
N GLY A 39 21.21 42.37 -5.91
CA GLY A 39 21.98 41.42 -5.14
C GLY A 39 21.44 41.17 -3.73
N TYR A 40 20.28 41.77 -3.43
CA TYR A 40 19.71 41.66 -2.09
C TYR A 40 19.18 40.25 -1.86
N VAL A 41 19.66 39.59 -0.80
CA VAL A 41 19.13 38.30 -0.38
C VAL A 41 17.92 38.56 0.51
N SER A 42 16.72 38.23 0.01
CA SER A 42 15.48 38.56 0.68
C SER A 42 14.90 37.33 1.36
N GLN A 43 14.48 37.51 2.62
CA GLN A 43 14.02 36.41 3.47
C GLN A 43 12.49 36.39 3.53
N GLN A 44 11.89 35.34 2.95
CA GLN A 44 10.44 35.14 3.01
C GLN A 44 10.24 33.73 3.55
N GLY A 45 9.96 33.64 4.84
CA GLY A 45 10.00 32.34 5.51
C GLY A 45 11.43 31.99 5.85
N GLY A 46 11.87 30.82 5.43
CA GLY A 46 13.24 30.41 5.59
C GLY A 46 14.00 30.48 4.28
N GLN A 47 13.59 31.40 3.41
CA GLN A 47 14.07 31.47 2.04
C GLN A 47 15.02 32.64 1.84
N ARG A 48 16.19 32.35 1.28
CA ARG A 48 17.12 33.37 0.83
C ARG A 48 17.02 33.47 -0.69
N SER A 49 16.56 34.62 -1.20
CA SER A 49 16.35 34.75 -2.64
C SER A 49 16.90 36.07 -3.14
N THR A 50 17.19 36.09 -4.43
CA THR A 50 17.56 37.29 -5.18
C THR A 50 16.50 37.54 -6.26
N PRO A 51 16.35 38.79 -6.71
CA PRO A 51 15.41 39.07 -7.80
C PRO A 51 15.52 38.14 -8.99
N LEU A 52 16.73 37.77 -9.41
CA LEU A 52 16.89 36.86 -10.53
C LEU A 52 16.37 35.46 -10.21
N ILE A 53 16.69 34.95 -9.02
CA ILE A 53 16.29 33.59 -8.65
C ILE A 53 14.77 33.44 -8.65
N ILE A 54 14.06 34.40 -8.05
CA ILE A 54 12.61 34.32 -8.01
C ILE A 54 12.02 34.44 -9.41
N ALA A 55 12.57 35.34 -10.24
CA ALA A 55 12.10 35.44 -11.62
C ALA A 55 12.24 34.11 -12.34
N ALA A 56 13.27 33.34 -12.01
CA ALA A 56 13.46 32.04 -12.63
C ALA A 56 12.58 30.97 -11.97
N ARG A 57 12.50 30.96 -10.64
CA ARG A 57 11.64 30.01 -9.94
C ARG A 57 10.19 30.18 -10.35
N ASN A 58 9.76 31.41 -10.65
CA ASN A 58 8.40 31.69 -11.06
C ASN A 58 8.25 31.77 -12.58
N GLY A 59 9.31 31.46 -13.33
CA GLY A 59 9.21 31.34 -14.78
C GLY A 59 8.79 32.59 -15.53
N HIS A 60 9.20 33.76 -15.06
CA HIS A 60 8.90 35.02 -15.75
C HIS A 60 10.07 35.36 -16.67
N ALA A 61 10.04 34.77 -17.87
CA ALA A 61 11.13 34.91 -18.83
C ALA A 61 11.38 36.37 -19.20
N LYS A 62 10.31 37.14 -19.45
CA LYS A 62 10.47 38.56 -19.78
C LYS A 62 11.34 39.28 -18.76
N VAL A 63 11.17 38.96 -17.48
CA VAL A 63 11.97 39.60 -16.44
C VAL A 63 13.38 39.05 -16.46
N VAL A 64 13.53 37.74 -16.69
CA VAL A 64 14.86 37.12 -16.68
C VAL A 64 15.69 37.66 -17.85
N ARG A 65 15.05 37.92 -18.98
CA ARG A 65 15.76 38.56 -20.10
C ARG A 65 16.28 39.93 -19.69
N LEU A 66 15.38 40.80 -19.23
CA LEU A 66 15.77 42.15 -18.82
C LEU A 66 16.97 42.12 -17.86
N LEU A 67 16.93 41.23 -16.88
CA LEU A 67 18.00 41.19 -15.88
C LEU A 67 19.32 40.75 -16.48
N LEU A 68 19.30 39.70 -17.31
CA LEU A 68 20.56 39.19 -17.88
C LEU A 68 21.07 40.08 -19.01
N GLU A 69 20.17 40.54 -19.87
CA GLU A 69 20.53 41.34 -21.03
C GLU A 69 21.05 42.73 -20.64
N HIS A 70 20.17 43.59 -20.14
CA HIS A 70 20.58 44.96 -19.82
C HIS A 70 21.41 45.04 -18.55
N TYR A 71 20.80 44.76 -17.40
CA TYR A 71 21.46 45.02 -16.12
C TYR A 71 22.56 44.02 -15.80
N ARG A 72 22.78 43.03 -16.67
CA ARG A 72 23.91 42.10 -16.60
C ARG A 72 24.10 41.58 -15.17
N VAL A 73 23.13 40.79 -14.75
CA VAL A 73 23.19 40.20 -13.41
C VAL A 73 23.93 38.87 -13.50
N GLN A 74 24.75 38.61 -12.49
CA GLN A 74 25.59 37.42 -12.45
C GLN A 74 24.75 36.17 -12.23
N THR A 75 24.87 35.19 -13.14
CA THR A 75 24.08 33.96 -13.07
C THR A 75 24.51 33.04 -11.93
N GLN A 76 25.53 33.42 -11.09
CA GLN A 76 26.26 32.54 -10.16
C GLN A 76 25.29 32.32 -9.06
N GLN A 77 24.51 33.39 -8.88
CA GLN A 77 24.13 33.80 -7.54
C GLN A 77 23.13 32.78 -7.02
N THR A 78 23.37 32.31 -5.82
CA THR A 78 22.63 31.22 -5.24
C THR A 78 21.79 31.70 -4.07
N GLY A 79 20.72 30.94 -3.81
CA GLY A 79 19.86 31.17 -2.68
C GLY A 79 19.22 29.92 -2.10
N THR A 80 18.33 30.10 -1.13
CA THR A 80 17.55 29.03 -0.53
C THR A 80 16.09 29.21 -0.94
N VAL A 81 15.56 28.26 -1.71
CA VAL A 81 14.19 28.39 -2.21
C VAL A 81 13.38 27.18 -1.74
N ARG A 82 12.06 27.31 -1.85
CA ARG A 82 11.12 26.27 -1.42
C ARG A 82 10.36 25.76 -2.63
N PHE A 83 10.20 24.43 -2.70
CA PHE A 83 9.53 23.80 -3.83
C PHE A 83 8.33 22.97 -3.39
N ASP A 84 8.47 21.65 -3.48
CA ASP A 84 7.40 20.71 -3.18
C ASP A 84 7.05 20.69 -1.70
N GLY A 85 7.64 21.60 -0.93
CA GLY A 85 7.52 21.62 0.52
C GLY A 85 8.85 21.53 1.22
N TYR A 86 9.95 21.45 0.49
CA TYR A 86 11.29 21.29 1.04
C TYR A 86 12.09 22.54 0.73
N VAL A 87 12.69 23.13 1.76
CA VAL A 87 13.56 24.28 1.57
C VAL A 87 14.90 23.75 1.07
N ILE A 88 15.34 24.23 -0.08
CA ILE A 88 16.56 23.77 -0.73
C ILE A 88 17.58 24.90 -0.72
N ASP A 89 18.78 24.60 -0.24
CA ASP A 89 19.88 25.56 -0.17
C ASP A 89 20.88 25.28 -1.28
N GLY A 90 21.48 26.35 -1.80
CA GLY A 90 22.39 26.24 -2.92
C GLY A 90 21.76 26.36 -4.29
N ALA A 91 20.50 26.81 -4.37
CA ALA A 91 19.78 26.86 -5.63
C ALA A 91 20.13 28.11 -6.43
N THR A 92 20.50 27.91 -7.69
CA THR A 92 20.71 28.99 -8.64
C THR A 92 19.46 29.18 -9.50
N ALA A 93 19.36 30.35 -10.13
CA ALA A 93 18.22 30.65 -10.99
C ALA A 93 17.97 29.54 -12.01
N LEU A 94 19.04 28.94 -12.54
CA LEU A 94 18.87 27.86 -13.51
C LEU A 94 18.32 26.61 -12.85
N TRP A 95 18.83 26.26 -11.67
CA TRP A 95 18.37 25.07 -10.99
C TRP A 95 16.91 25.19 -10.57
N CYS A 96 16.50 26.38 -10.09
CA CYS A 96 15.09 26.61 -9.79
C CYS A 96 14.22 26.47 -11.03
N ALA A 97 14.68 27.04 -12.15
CA ALA A 97 13.90 26.98 -13.39
C ALA A 97 13.82 25.57 -13.96
N ALA A 98 14.75 24.69 -13.59
CA ALA A 98 14.72 23.33 -14.13
C ALA A 98 13.76 22.46 -13.32
N GLY A 99 13.81 22.56 -11.99
CA GLY A 99 12.84 21.85 -11.18
C GLY A 99 11.42 22.30 -11.43
N ALA A 100 11.22 23.61 -11.58
CA ALA A 100 9.89 24.14 -11.86
C ALA A 100 9.47 23.96 -13.32
N GLY A 101 10.28 23.27 -14.12
CA GLY A 101 9.94 22.99 -15.51
C GLY A 101 9.70 24.20 -16.38
N HIS A 102 10.45 25.28 -16.14
CA HIS A 102 10.27 26.53 -16.89
C HIS A 102 11.21 26.53 -18.10
N PHE A 103 10.71 25.90 -19.17
CA PHE A 103 11.33 25.76 -20.48
C PHE A 103 12.25 26.91 -20.86
N GLU A 104 11.63 28.07 -21.09
CA GLU A 104 12.29 29.23 -21.63
C GLU A 104 13.34 29.80 -20.67
N VAL A 105 12.98 29.90 -19.38
CA VAL A 105 13.89 30.51 -18.42
C VAL A 105 15.17 29.70 -18.32
N VAL A 106 15.07 28.37 -18.44
CA VAL A 106 16.26 27.54 -18.54
C VAL A 106 17.03 27.89 -19.81
N LYS A 107 16.33 27.97 -20.94
CA LYS A 107 16.97 28.28 -22.21
C LYS A 107 17.62 29.67 -22.17
N LEU A 108 17.03 30.60 -21.42
CA LEU A 108 17.52 31.96 -21.32
C LEU A 108 18.76 32.07 -20.43
N LEU A 109 18.80 31.29 -19.35
CA LEU A 109 19.90 31.39 -18.39
C LEU A 109 21.18 30.76 -18.93
N VAL A 110 21.10 29.59 -19.55
CA VAL A 110 22.30 28.92 -20.06
C VAL A 110 22.87 29.69 -21.24
N SER A 111 22.04 30.43 -21.98
CA SER A 111 22.55 31.20 -23.11
C SER A 111 23.47 32.32 -22.63
N HIS A 112 23.15 32.93 -21.49
CA HIS A 112 24.00 33.96 -20.91
C HIS A 112 24.94 33.39 -19.85
N GLY A 113 25.30 32.12 -19.96
CA GLY A 113 26.41 31.56 -19.22
C GLY A 113 26.12 30.82 -17.94
N ALA A 114 24.91 30.26 -17.78
CA ALA A 114 24.60 29.55 -16.53
C ALA A 114 25.33 28.21 -16.48
N ASN A 115 26.05 27.98 -15.38
CA ASN A 115 26.78 26.73 -15.14
C ASN A 115 25.79 25.58 -14.97
N VAL A 116 25.59 24.80 -16.04
CA VAL A 116 24.61 23.71 -16.04
C VAL A 116 25.01 22.58 -15.10
N ASN A 117 26.17 22.69 -14.47
CA ASN A 117 26.66 21.63 -13.58
C ASN A 117 26.94 22.15 -12.18
N HIS A 118 26.32 23.27 -11.81
CA HIS A 118 26.36 23.70 -10.42
C HIS A 118 25.44 22.81 -9.59
N THR A 119 25.83 22.61 -8.34
CA THR A 119 25.17 21.65 -7.48
C THR A 119 24.63 22.36 -6.25
N THR A 120 23.49 21.88 -5.76
CA THR A 120 22.92 22.39 -4.52
C THR A 120 23.80 21.97 -3.34
N VAL A 121 23.33 22.21 -2.12
CA VAL A 121 24.09 21.75 -0.96
C VAL A 121 24.04 20.23 -0.88
N THR A 122 22.95 19.64 -1.36
CA THR A 122 22.79 18.20 -1.52
C THR A 122 23.43 17.68 -2.81
N ASN A 123 24.02 18.55 -3.64
CA ASN A 123 24.67 18.17 -4.91
C ASN A 123 23.67 17.70 -5.95
N SER A 124 22.59 18.46 -6.11
CA SER A 124 21.61 18.21 -7.17
C SER A 124 21.93 19.06 -8.39
N THR A 125 22.12 18.39 -9.54
CA THR A 125 22.30 19.10 -10.78
C THR A 125 20.95 19.68 -11.20
N PRO A 126 20.95 20.75 -11.99
CA PRO A 126 19.70 21.10 -12.70
C PRO A 126 19.17 19.94 -13.51
N LEU A 127 20.06 19.10 -14.04
CA LEU A 127 19.61 17.91 -14.74
C LEU A 127 18.87 16.95 -13.82
N ARG A 128 19.35 16.79 -12.58
CA ARG A 128 18.64 15.94 -11.63
C ARG A 128 17.26 16.51 -11.31
N ALA A 129 17.21 17.78 -10.92
CA ALA A 129 15.93 18.47 -10.72
C ALA A 129 14.98 18.23 -11.89
N ALA A 130 15.44 18.49 -13.11
CA ALA A 130 14.61 18.27 -14.29
C ALA A 130 14.26 16.79 -14.46
N CYS A 131 15.15 15.88 -14.06
CA CYS A 131 14.86 14.47 -14.17
C CYS A 131 13.82 14.02 -13.14
N PHE A 132 13.84 14.61 -11.94
CA PHE A 132 12.79 14.32 -10.96
C PHE A 132 11.43 14.75 -11.50
N ASP A 133 11.32 16.00 -11.95
CA ASP A 133 10.07 16.51 -12.50
C ASP A 133 9.80 15.88 -13.87
N GLY A 134 10.80 15.21 -14.43
CA GLY A 134 10.63 14.50 -15.68
C GLY A 134 10.29 15.37 -16.86
N ARG A 135 10.74 16.62 -16.88
CA ARG A 135 10.53 17.45 -18.05
C ARG A 135 11.57 17.11 -19.11
N LEU A 136 11.11 16.43 -20.16
CA LEU A 136 12.04 15.90 -21.15
C LEU A 136 12.71 17.00 -21.96
N ASP A 137 12.00 18.12 -22.22
CA ASP A 137 12.56 19.17 -23.08
C ASP A 137 13.77 19.82 -22.46
N ILE A 138 13.67 20.16 -21.15
CA ILE A 138 14.81 20.61 -20.34
C ILE A 138 15.77 19.52 -20.01
N VAL A 139 15.37 18.24 -20.06
CA VAL A 139 16.38 17.20 -19.87
C VAL A 139 17.28 17.12 -21.09
N LYS A 140 16.70 17.18 -22.30
CA LYS A 140 17.49 17.17 -23.52
C LYS A 140 18.32 18.43 -23.65
N TYR A 141 17.69 19.59 -23.42
CA TYR A 141 18.37 20.86 -23.60
C TYR A 141 19.63 20.94 -22.74
N LEU A 142 19.50 20.63 -21.45
CA LEU A 142 20.65 20.73 -20.56
C LEU A 142 21.74 19.74 -20.95
N VAL A 143 21.34 18.52 -21.33
CA VAL A 143 22.31 17.50 -21.73
C VAL A 143 23.07 17.93 -22.98
N GLU A 144 22.35 18.49 -23.96
CA GLU A 144 23.02 18.98 -25.17
C GLU A 144 23.77 20.29 -24.92
N ASN A 145 23.75 20.83 -23.71
CA ASN A 145 24.58 21.97 -23.36
C ASN A 145 25.57 21.61 -22.24
N ASN A 146 26.02 20.35 -22.24
CA ASN A 146 27.16 19.88 -21.47
C ASN A 146 26.80 19.65 -20.01
N ALA A 147 25.55 19.30 -19.73
CA ALA A 147 25.22 18.84 -18.39
C ALA A 147 25.75 17.43 -18.17
N ASN A 148 26.20 17.15 -16.96
CA ASN A 148 26.84 15.88 -16.62
C ASN A 148 25.79 14.94 -16.04
N ILE A 149 25.37 13.95 -16.82
CA ILE A 149 24.44 12.93 -16.36
C ILE A 149 24.99 12.22 -15.12
N SER A 150 26.30 12.31 -14.92
CA SER A 150 26.98 11.52 -13.90
C SER A 150 27.00 12.17 -12.52
N ILE A 151 26.99 13.51 -12.44
CA ILE A 151 27.00 14.16 -11.13
C ILE A 151 25.71 13.84 -10.40
N ALA A 152 25.84 13.17 -9.26
CA ALA A 152 24.72 12.64 -8.50
C ALA A 152 24.62 13.38 -7.17
N ASN A 153 23.53 13.09 -6.44
CA ASN A 153 23.28 13.75 -5.17
C ASN A 153 24.28 13.27 -4.12
N LYS A 154 24.18 13.85 -2.92
CA LYS A 154 25.02 13.49 -1.77
C LYS A 154 25.12 11.98 -1.59
N TYR A 155 24.03 11.27 -1.87
CA TYR A 155 23.91 9.84 -1.62
C TYR A 155 24.14 9.00 -2.88
N ASP A 156 24.86 9.53 -3.88
CA ASP A 156 25.20 8.84 -5.13
C ASP A 156 23.98 8.57 -6.01
N ASN A 157 22.82 9.14 -5.68
CA ASN A 157 21.59 9.02 -6.45
C ASN A 157 21.73 9.71 -7.80
N THR A 158 21.74 8.93 -8.88
CA THR A 158 21.97 9.51 -10.19
C THR A 158 20.64 9.93 -10.82
N CYS A 159 20.74 10.81 -11.83
CA CYS A 159 19.57 11.24 -12.58
C CYS A 159 18.77 10.04 -13.11
N LEU A 160 19.48 8.96 -13.45
CA LEU A 160 18.80 7.75 -13.91
C LEU A 160 17.95 7.14 -12.80
N MET A 161 18.43 7.18 -11.56
CA MET A 161 17.67 6.62 -10.44
C MET A 161 16.37 7.40 -10.21
N ILE A 162 16.46 8.72 -10.11
CA ILE A 162 15.25 9.50 -9.82
C ILE A 162 14.28 9.45 -11.00
N ALA A 163 14.80 9.32 -12.23
CA ALA A 163 13.90 9.16 -13.36
C ALA A 163 13.17 7.83 -13.30
N ALA A 164 13.80 6.81 -12.71
CA ALA A 164 13.17 5.52 -12.53
C ALA A 164 12.16 5.54 -11.38
N TYR A 165 12.56 6.09 -10.23
CA TYR A 165 11.68 6.10 -9.07
C TYR A 165 10.37 6.83 -9.34
N LYS A 166 10.45 8.07 -9.85
CA LYS A 166 9.24 8.79 -10.21
C LYS A 166 8.61 8.26 -11.50
N GLY A 167 9.32 7.43 -12.26
CA GLY A 167 8.73 6.68 -13.36
C GLY A 167 8.63 7.38 -14.70
N HIS A 168 9.46 8.38 -14.96
CA HIS A 168 9.49 9.07 -16.25
C HIS A 168 10.17 8.20 -17.30
N THR A 169 9.38 7.31 -17.91
CA THR A 169 9.92 6.41 -18.93
C THR A 169 10.69 7.17 -20.00
N ASP A 170 10.11 8.25 -20.52
CA ASP A 170 10.77 9.00 -21.58
C ASP A 170 12.10 9.57 -21.11
N VAL A 171 12.15 10.13 -19.90
CA VAL A 171 13.41 10.63 -19.37
C VAL A 171 14.40 9.50 -19.17
N VAL A 172 13.93 8.32 -18.75
CA VAL A 172 14.81 7.19 -18.53
C VAL A 172 15.42 6.73 -19.85
N ARG A 173 14.60 6.67 -20.90
CA ARG A 173 15.11 6.17 -22.17
C ARG A 173 16.07 7.16 -22.81
N TYR A 174 15.77 8.46 -22.71
CA TYR A 174 16.72 9.47 -23.18
C TYR A 174 18.05 9.35 -22.45
N LEU A 175 18.01 9.19 -21.13
CA LEU A 175 19.25 9.12 -20.36
C LEU A 175 20.06 7.89 -20.74
N LEU A 176 19.38 6.76 -20.97
CA LEU A 176 20.08 5.55 -21.39
C LEU A 176 20.67 5.70 -22.80
N GLU A 177 19.92 6.31 -23.72
CA GLU A 177 20.43 6.51 -25.07
C GLU A 177 21.60 7.48 -25.08
N GLN A 178 21.50 8.58 -24.32
CA GLN A 178 22.61 9.48 -24.09
C GLN A 178 23.73 8.78 -23.31
N ARG A 179 23.56 7.48 -23.07
CA ARG A 179 24.57 6.62 -22.48
C ARG A 179 24.77 6.97 -21.00
N ALA A 180 23.70 6.89 -20.21
CA ALA A 180 23.83 6.96 -18.77
C ALA A 180 24.20 5.59 -18.21
N ASP A 181 24.93 5.61 -17.09
CA ASP A 181 25.44 4.38 -16.48
C ASP A 181 24.32 3.69 -15.71
N PRO A 182 23.83 2.54 -16.18
CA PRO A 182 22.74 1.85 -15.49
C PRO A 182 23.15 0.99 -14.31
N ASN A 183 24.43 0.97 -13.93
CA ASN A 183 24.90 0.12 -12.85
C ASN A 183 25.42 0.91 -11.65
N ALA A 184 25.20 2.21 -11.61
CA ALA A 184 25.56 3.01 -10.44
C ALA A 184 24.79 2.53 -9.21
N LYS A 185 25.41 2.73 -8.05
CA LYS A 185 24.86 2.31 -6.77
C LYS A 185 24.75 3.53 -5.87
N ALA A 186 23.65 3.59 -5.12
CA ALA A 186 23.47 4.67 -4.16
C ALA A 186 24.16 4.28 -2.85
N HIS A 187 24.15 5.19 -1.88
CA HIS A 187 24.62 4.84 -0.54
C HIS A 187 23.85 3.67 0.05
N CYS A 188 22.63 3.43 -0.44
CA CYS A 188 21.89 2.24 -0.04
C CYS A 188 22.54 0.98 -0.60
N GLY A 189 23.24 1.11 -1.73
CA GLY A 189 23.60 0.01 -2.58
C GLY A 189 22.64 -0.18 -3.73
N ALA A 190 21.55 0.59 -3.73
CA ALA A 190 20.48 0.43 -4.71
C ALA A 190 20.92 0.91 -6.09
N THR A 191 20.63 0.10 -7.10
CA THR A 191 20.80 0.47 -8.50
C THR A 191 19.50 1.07 -9.03
N ALA A 192 19.57 1.62 -10.25
CA ALA A 192 18.39 2.18 -10.90
C ALA A 192 17.26 1.16 -11.01
N LEU A 193 17.59 -0.12 -11.22
CA LEU A 193 16.57 -1.16 -11.32
C LEU A 193 15.82 -1.34 -10.01
N HIS A 194 16.54 -1.53 -8.90
CA HIS A 194 15.95 -1.61 -7.56
C HIS A 194 14.83 -0.60 -7.38
N PHE A 195 15.06 0.63 -7.84
CA PHE A 195 14.06 1.68 -7.72
C PHE A 195 12.88 1.42 -8.67
N ALA A 196 13.18 1.12 -9.93
CA ALA A 196 12.13 0.82 -10.90
C ALA A 196 11.27 -0.37 -10.47
N ALA A 197 11.87 -1.34 -9.77
CA ALA A 197 11.13 -2.48 -9.27
C ALA A 197 10.23 -2.10 -8.10
N GLU A 198 10.77 -1.30 -7.16
CA GLU A 198 10.01 -0.90 -5.98
C GLU A 198 8.68 -0.26 -6.36
N ALA A 199 8.69 0.58 -7.40
CA ALA A 199 7.48 1.21 -7.89
C ALA A 199 6.85 0.46 -9.06
N GLY A 200 7.46 -0.65 -9.49
CA GLY A 200 6.88 -1.48 -10.54
C GLY A 200 6.68 -0.80 -11.88
N HIS A 201 7.61 0.06 -12.28
CA HIS A 201 7.55 0.74 -13.58
C HIS A 201 8.03 -0.23 -14.65
N ILE A 202 7.09 -1.06 -15.10
CA ILE A 202 7.40 -2.18 -16.01
C ILE A 202 8.09 -1.70 -17.28
N ASP A 203 7.59 -0.62 -17.89
CA ASP A 203 8.16 -0.17 -19.16
C ASP A 203 9.60 0.29 -18.98
N ILE A 204 9.89 0.98 -17.88
CA ILE A 204 11.27 1.33 -17.58
C ILE A 204 12.09 0.09 -17.27
N VAL A 205 11.51 -0.86 -16.52
CA VAL A 205 12.26 -2.05 -16.13
C VAL A 205 12.77 -2.79 -17.37
N LYS A 206 11.95 -2.84 -18.42
CA LYS A 206 12.43 -3.43 -19.67
C LYS A 206 13.49 -2.55 -20.31
N GLU A 207 13.33 -1.23 -20.22
CA GLU A 207 14.32 -0.30 -20.76
C GLU A 207 15.70 -0.56 -20.15
N LEU A 208 15.80 -0.63 -18.82
CA LEU A 208 17.07 -0.96 -18.20
C LEU A 208 17.56 -2.33 -18.66
N ILE A 209 16.65 -3.24 -18.98
CA ILE A 209 17.04 -4.60 -19.36
C ILE A 209 17.80 -4.61 -20.68
N LYS A 210 17.38 -3.76 -21.63
CA LYS A 210 18.12 -3.61 -22.89
C LYS A 210 19.61 -3.38 -22.68
N TRP A 211 20.01 -2.83 -21.53
CA TRP A 211 21.41 -2.53 -21.22
C TRP A 211 21.96 -3.33 -20.05
N ARG A 212 21.35 -3.24 -18.87
CA ARG A 212 22.03 -3.28 -17.57
C ARG A 212 22.56 -4.62 -17.07
N ALA A 213 22.40 -4.84 -15.76
CA ALA A 213 22.78 -6.00 -14.95
C ALA A 213 22.91 -5.52 -13.50
N ALA A 214 22.05 -5.99 -12.60
CA ALA A 214 21.94 -5.42 -11.26
C ALA A 214 22.47 -6.38 -10.20
N ILE A 215 23.16 -5.80 -9.21
CA ILE A 215 23.77 -6.57 -8.13
C ILE A 215 22.79 -6.85 -7.00
N VAL A 216 23.14 -6.39 -5.79
CA VAL A 216 22.44 -6.72 -4.56
C VAL A 216 22.36 -5.48 -3.70
N VAL A 217 21.33 -5.46 -2.84
CA VAL A 217 20.96 -4.45 -1.86
C VAL A 217 20.21 -3.34 -2.57
N ASN A 218 19.03 -3.00 -2.01
CA ASN A 218 18.37 -1.72 -2.23
C ASN A 218 18.43 -0.93 -0.95
N GLY A 219 19.07 -1.50 0.07
CA GLY A 219 19.16 -1.01 1.43
C GLY A 219 19.17 -2.17 2.40
N HIS A 220 18.61 -3.32 2.01
CA HIS A 220 18.55 -4.49 2.89
C HIS A 220 19.09 -5.76 2.24
N GLY A 221 20.12 -5.67 1.39
CA GLY A 221 20.67 -6.87 0.79
C GLY A 221 19.75 -7.63 -0.15
N MET A 222 19.28 -6.96 -1.20
CA MET A 222 18.22 -7.46 -2.05
C MET A 222 18.65 -7.42 -3.51
N THR A 223 18.12 -8.32 -4.30
CA THR A 223 18.35 -8.06 -5.71
C THR A 223 17.13 -7.31 -6.23
N PRO A 224 17.21 -6.66 -7.41
CA PRO A 224 16.00 -6.00 -7.92
C PRO A 224 14.81 -6.93 -8.00
N LEU A 225 15.07 -8.23 -8.16
CA LEU A 225 13.99 -9.21 -8.20
C LEU A 225 13.25 -9.28 -6.86
N LYS A 226 13.98 -9.42 -5.76
CA LYS A 226 13.33 -9.54 -4.46
C LYS A 226 12.74 -8.23 -3.99
N VAL A 227 13.29 -7.09 -4.45
CA VAL A 227 12.62 -5.81 -4.21
C VAL A 227 11.29 -5.76 -4.93
N ALA A 228 11.22 -6.35 -6.12
CA ALA A 228 9.96 -6.46 -6.83
C ALA A 228 8.98 -7.37 -6.06
N ALA A 229 9.47 -8.48 -5.52
CA ALA A 229 8.61 -9.42 -4.80
C ALA A 229 7.98 -8.78 -3.57
N GLU A 230 8.81 -8.22 -2.67
CA GLU A 230 8.28 -7.60 -1.46
C GLU A 230 7.37 -6.41 -1.78
N SER A 231 7.65 -5.68 -2.85
CA SER A 231 6.76 -4.62 -3.31
C SER A 231 5.48 -5.16 -3.93
N CYS A 232 5.38 -6.48 -4.08
CA CYS A 232 4.24 -7.21 -4.64
C CYS A 232 4.05 -6.93 -6.12
N LYS A 233 5.02 -6.30 -6.77
CA LYS A 233 4.90 -5.97 -8.18
C LYS A 233 5.14 -7.26 -8.96
N ALA A 234 4.03 -7.94 -9.28
CA ALA A 234 4.12 -9.29 -9.83
C ALA A 234 4.63 -9.25 -11.28
N ASP A 235 4.02 -8.40 -12.11
CA ASP A 235 4.46 -8.27 -13.50
C ASP A 235 5.95 -8.01 -13.59
N VAL A 236 6.46 -7.09 -12.78
CA VAL A 236 7.90 -6.85 -12.73
C VAL A 236 8.63 -8.12 -12.29
N VAL A 237 8.10 -8.82 -11.29
CA VAL A 237 8.76 -10.03 -10.80
C VAL A 237 8.89 -11.06 -11.91
N GLU A 238 7.92 -11.11 -12.81
CA GLU A 238 7.93 -12.13 -13.85
C GLU A 238 8.78 -11.71 -15.04
N LEU A 239 8.69 -10.43 -15.45
CA LEU A 239 9.67 -9.86 -16.36
C LEU A 239 11.09 -10.23 -15.94
N LEU A 240 11.48 -9.85 -14.72
CA LEU A 240 12.82 -10.16 -14.23
C LEU A 240 13.05 -11.66 -14.08
N LEU A 241 11.99 -12.47 -13.99
CA LEU A 241 12.11 -13.92 -13.94
C LEU A 241 12.32 -14.56 -15.30
N SER A 242 12.68 -13.80 -16.32
CA SER A 242 13.01 -14.33 -17.63
C SER A 242 14.52 -14.33 -17.87
N HIS A 243 15.30 -14.51 -16.80
CA HIS A 243 16.76 -14.49 -16.92
C HIS A 243 17.43 -15.66 -16.18
N ALA A 244 18.26 -15.39 -15.18
CA ALA A 244 19.16 -16.43 -14.66
C ALA A 244 18.97 -16.66 -13.16
N ASP A 245 18.49 -17.85 -12.80
CA ASP A 245 18.26 -18.30 -11.42
C ASP A 245 17.95 -17.20 -10.41
N ARG A 249 17.11 -21.53 -6.23
CA ARG A 249 17.20 -21.03 -4.90
C ARG A 249 16.72 -19.61 -4.98
N SER A 250 17.48 -18.76 -5.67
CA SER A 250 17.05 -17.39 -5.87
C SER A 250 15.67 -17.33 -6.51
N ARG A 251 15.37 -18.24 -7.42
CA ARG A 251 14.06 -18.28 -8.05
C ARG A 251 12.96 -18.52 -7.03
N ILE A 252 13.16 -19.50 -6.14
CA ILE A 252 12.13 -19.89 -5.18
C ILE A 252 11.91 -18.81 -4.14
N GLU A 253 12.97 -18.07 -3.76
CA GLU A 253 12.81 -17.00 -2.79
C GLU A 253 11.97 -15.86 -3.35
N ALA A 254 12.10 -15.58 -4.64
CA ALA A 254 11.30 -14.52 -5.26
C ALA A 254 9.82 -14.89 -5.28
N LEU A 255 9.49 -16.07 -5.81
CA LEU A 255 8.09 -16.50 -5.85
C LEU A 255 7.50 -16.58 -4.45
N GLU A 256 8.24 -17.15 -3.51
CA GLU A 256 7.77 -17.23 -2.13
C GLU A 256 7.47 -15.85 -1.56
N LEU A 257 8.40 -14.91 -1.72
CA LEU A 257 8.19 -13.59 -1.13
C LEU A 257 7.11 -12.81 -1.86
N LEU A 258 7.01 -12.96 -3.19
CA LEU A 258 5.94 -12.30 -3.92
C LEU A 258 4.57 -12.80 -3.47
N GLY A 259 4.38 -14.12 -3.45
CA GLY A 259 3.11 -14.67 -2.99
C GLY A 259 2.86 -14.39 -1.52
N ALA A 260 3.90 -14.38 -0.70
CA ALA A 260 3.76 -13.97 0.69
C ALA A 260 3.44 -12.48 0.78
N SER A 261 3.70 -11.73 -0.29
CA SER A 261 3.41 -10.33 -0.24
C SER A 261 1.96 -10.04 -0.59
N PHE A 262 1.27 -10.95 -1.29
CA PHE A 262 -0.14 -10.71 -1.58
C PHE A 262 -1.05 -10.80 -0.36
N ALA A 263 -0.55 -11.29 0.78
CA ALA A 263 -1.37 -11.38 1.99
C ALA A 263 -1.31 -10.09 2.83
N ASN A 264 -0.09 -9.66 3.22
CA ASN A 264 0.07 -8.60 4.23
C ASN A 264 -0.19 -7.19 3.67
N ASP A 265 0.49 -6.78 2.59
CA ASP A 265 -0.06 -5.89 1.55
C ASP A 265 -1.57 -5.73 1.37
N ARG A 266 -2.20 -5.04 2.31
CA ARG A 266 -3.60 -4.69 2.10
C ARG A 266 -3.83 -3.80 0.86
N GLU A 267 -2.81 -3.07 0.37
CA GLU A 267 -3.02 -2.21 -0.80
C GLU A 267 -3.36 -3.01 -2.05
N ASN A 268 -2.53 -4.02 -2.37
CA ASN A 268 -2.78 -4.86 -3.54
C ASN A 268 -2.98 -6.31 -3.12
N TYR A 269 -3.78 -6.54 -2.07
CA TYR A 269 -3.89 -7.85 -1.43
C TYR A 269 -4.82 -8.76 -2.23
N ASP A 270 -4.32 -9.92 -2.63
CA ASP A 270 -5.14 -10.94 -3.28
C ASP A 270 -4.74 -12.30 -2.72
N ILE A 271 -5.61 -12.89 -1.89
CA ILE A 271 -5.29 -14.15 -1.23
C ILE A 271 -5.16 -15.29 -2.22
N ILE A 272 -5.81 -15.20 -3.38
CA ILE A 272 -5.66 -16.23 -4.41
C ILE A 272 -4.24 -16.23 -4.96
N LYS A 273 -3.67 -15.03 -5.18
CA LYS A 273 -2.33 -14.94 -5.73
C LYS A 273 -1.28 -15.28 -4.69
N THR A 274 -1.62 -15.20 -3.40
CA THR A 274 -0.75 -15.80 -2.39
C THR A 274 -0.59 -17.29 -2.63
N TYR A 275 -1.71 -18.00 -2.80
CA TYR A 275 -1.68 -19.42 -3.16
C TYR A 275 -1.56 -19.52 -4.68
N HIS A 276 -0.32 -19.50 -5.16
CA HIS A 276 -0.05 -19.54 -6.60
C HIS A 276 1.45 -19.40 -6.77
N TYR A 277 1.99 -18.31 -6.24
CA TYR A 277 3.43 -18.14 -6.18
C TYR A 277 4.02 -18.99 -5.07
N LEU A 278 3.29 -19.12 -3.95
CA LEU A 278 3.71 -20.02 -2.89
C LEU A 278 3.62 -21.48 -3.33
N TYR A 279 2.56 -21.83 -4.07
CA TYR A 279 2.42 -23.20 -4.53
C TYR A 279 3.45 -23.54 -5.59
N LEU A 280 3.63 -22.66 -6.59
CA LEU A 280 4.63 -22.93 -7.61
C LEU A 280 6.03 -22.90 -7.01
N ALA A 281 6.22 -22.12 -5.93
CA ALA A 281 7.51 -22.10 -5.24
C ALA A 281 7.89 -23.48 -4.74
N MET A 282 6.92 -24.26 -4.28
CA MET A 282 7.24 -25.56 -3.73
C MET A 282 7.79 -26.48 -4.81
N LEU A 283 9.11 -26.55 -4.89
CA LEU A 283 9.82 -27.43 -5.79
C LEU A 283 10.86 -28.24 -5.03
N GLU A 284 11.66 -27.56 -4.21
CA GLU A 284 12.85 -28.24 -3.72
C GLU A 284 13.52 -27.64 -2.48
N ARG A 285 12.78 -27.12 -1.51
CA ARG A 285 13.37 -26.76 -0.22
C ARG A 285 12.48 -27.35 0.84
N PHE A 286 13.03 -28.24 1.69
CA PHE A 286 12.34 -28.85 2.82
C PHE A 286 12.94 -30.15 3.35
N GLN A 287 12.76 -31.22 2.59
CA GLN A 287 12.89 -32.60 3.06
C GLN A 287 14.24 -33.23 2.71
N ASP A 288 15.30 -32.44 2.67
CA ASP A 288 16.63 -32.96 2.40
C ASP A 288 17.61 -32.45 3.44
N GLY A 289 18.72 -33.18 3.56
CA GLY A 289 19.80 -32.79 4.44
C GLY A 289 20.08 -33.73 5.59
N ILE A 292 16.04 -31.43 -4.06
CA ILE A 292 15.57 -30.65 -2.93
C ILE A 292 16.78 -30.08 -2.17
N LEU A 293 16.50 -29.25 -1.16
CA LEU A 293 17.52 -28.57 -0.36
C LEU A 293 16.84 -28.18 0.97
N GLU A 294 17.50 -27.34 1.76
CA GLU A 294 17.09 -27.11 3.13
C GLU A 294 16.21 -25.87 3.27
N LYS A 295 15.07 -26.10 3.97
CA LYS A 295 14.00 -25.22 4.44
C LYS A 295 13.83 -25.38 5.95
N GLU A 296 14.36 -24.43 6.74
CA GLU A 296 14.10 -24.40 8.17
C GLU A 296 12.87 -23.53 8.43
N VAL A 297 11.85 -24.13 8.94
CA VAL A 297 10.57 -23.46 9.14
C VAL A 297 10.54 -22.84 10.53
N LEU A 298 9.75 -21.79 10.69
CA LEU A 298 9.84 -21.30 12.05
C LEU A 298 8.85 -22.06 12.91
N PRO A 299 9.11 -22.19 14.22
CA PRO A 299 8.11 -22.80 15.08
C PRO A 299 6.85 -21.98 15.08
N PRO A 300 5.68 -22.62 15.28
CA PRO A 300 4.42 -21.86 15.31
C PRO A 300 4.38 -20.85 16.44
N ILE A 301 4.70 -19.60 16.12
CA ILE A 301 4.77 -18.53 17.11
C ILE A 301 3.41 -17.89 17.23
N HIS A 302 3.02 -17.57 18.47
CA HIS A 302 1.78 -16.84 18.70
C HIS A 302 1.84 -15.48 18.03
N ALA A 303 1.26 -15.38 16.84
CA ALA A 303 1.28 -14.19 15.99
C ALA A 303 0.41 -14.48 14.78
N TYR A 304 0.94 -15.32 13.88
CA TYR A 304 0.17 -15.89 12.80
C TYR A 304 -0.56 -17.12 13.32
N GLY A 305 -1.31 -16.94 14.40
CA GLY A 305 -1.91 -18.05 15.13
C GLY A 305 -0.84 -18.98 15.65
N ASN A 306 -1.08 -20.28 15.50
CA ASN A 306 -0.03 -21.29 15.71
C ASN A 306 0.05 -22.21 14.51
N ARG A 307 -0.43 -21.74 13.36
CA ARG A 307 -0.17 -22.43 12.11
C ARG A 307 1.32 -22.46 11.86
N THR A 308 1.79 -23.53 11.24
CA THR A 308 3.19 -23.64 10.87
C THR A 308 3.29 -23.69 9.36
N GLU A 309 4.41 -23.20 8.85
CA GLU A 309 4.57 -23.05 7.41
C GLU A 309 4.58 -24.40 6.72
N CYS A 310 3.98 -24.46 5.54
CA CYS A 310 3.84 -25.72 4.83
C CYS A 310 5.21 -26.20 4.37
N ARG A 311 5.49 -27.48 4.60
CA ARG A 311 6.76 -28.08 4.27
C ARG A 311 6.72 -28.97 3.05
N ASN A 312 5.56 -29.55 2.76
CA ASN A 312 5.33 -30.42 1.63
C ASN A 312 4.35 -29.76 0.66
N PRO A 313 4.43 -30.08 -0.63
CA PRO A 313 3.38 -29.59 -1.55
C PRO A 313 1.98 -29.98 -1.10
N GLN A 314 1.80 -31.22 -0.65
CA GLN A 314 0.49 -31.70 -0.20
C GLN A 314 -0.09 -30.83 0.91
N GLU A 315 0.76 -30.33 1.81
CA GLU A 315 0.28 -29.49 2.90
C GLU A 315 -0.40 -28.23 2.37
N LEU A 316 0.24 -27.54 1.43
CA LEU A 316 -0.33 -26.32 0.88
C LEU A 316 -1.57 -26.58 0.02
N GLU A 317 -1.74 -27.80 -0.48
CA GLU A 317 -2.93 -28.12 -1.26
C GLU A 317 -4.19 -28.11 -0.41
N SER A 318 -4.17 -28.78 0.74
CA SER A 318 -5.30 -28.73 1.67
C SER A 318 -5.76 -27.30 1.88
N ILE A 319 -4.82 -26.39 2.11
CA ILE A 319 -5.08 -24.99 2.46
C ILE A 319 -5.46 -24.19 1.22
N ARG A 320 -5.60 -24.85 0.07
CA ARG A 320 -6.00 -24.12 -1.14
C ARG A 320 -7.31 -23.36 -0.94
N GLN A 321 -8.17 -23.85 -0.06
CA GLN A 321 -9.33 -23.12 0.39
C GLN A 321 -9.07 -22.60 1.79
N ASP A 322 -10.01 -21.80 2.31
CA ASP A 322 -9.91 -21.05 3.57
C ASP A 322 -9.13 -19.76 3.34
N ARG A 323 -9.84 -18.63 3.30
CA ARG A 323 -9.18 -17.33 3.24
C ARG A 323 -8.33 -17.09 4.48
N ASP A 324 -8.92 -17.25 5.67
CA ASP A 324 -8.22 -17.01 6.92
C ASP A 324 -6.86 -17.71 6.96
N ALA A 325 -6.82 -18.99 6.54
CA ALA A 325 -5.59 -19.77 6.69
C ALA A 325 -4.49 -19.29 5.74
N LEU A 326 -4.83 -19.01 4.49
CA LEU A 326 -3.81 -18.60 3.53
C LEU A 326 -3.21 -17.24 3.88
N HIS A 327 -3.98 -16.35 4.51
CA HIS A 327 -3.44 -15.05 4.89
C HIS A 327 -2.30 -15.20 5.88
N MET A 328 -2.47 -16.06 6.88
CA MET A 328 -1.41 -16.21 7.87
C MET A 328 -0.26 -17.04 7.32
N GLU A 329 -0.49 -17.82 6.26
CA GLU A 329 0.62 -18.48 5.58
C GLU A 329 1.53 -17.48 4.88
N GLY A 330 0.98 -16.38 4.39
CA GLY A 330 1.82 -15.36 3.77
C GLY A 330 2.68 -14.63 4.79
N LEU A 331 2.04 -14.14 5.85
CA LEU A 331 2.77 -13.52 6.96
C LEU A 331 3.90 -14.41 7.48
N ILE A 332 3.72 -15.74 7.45
CA ILE A 332 4.76 -16.62 7.98
C ILE A 332 5.94 -16.70 7.04
N VAL A 333 5.69 -16.96 5.76
CA VAL A 333 6.73 -16.89 4.74
C VAL A 333 7.44 -15.54 4.78
N ARG A 334 6.67 -14.45 4.88
CA ARG A 334 7.28 -13.11 4.86
C ARG A 334 8.32 -12.97 5.97
N GLU A 335 7.96 -13.34 7.20
CA GLU A 335 8.90 -13.19 8.31
C GLU A 335 10.09 -14.14 8.19
N ARG A 336 9.97 -15.24 7.44
CA ARG A 336 11.09 -16.15 7.30
C ARG A 336 12.16 -15.58 6.37
N ILE A 337 11.73 -14.93 5.29
CA ILE A 337 12.67 -14.32 4.36
C ILE A 337 13.16 -12.97 4.86
N LEU A 338 12.36 -12.27 5.66
CA LEU A 338 12.72 -10.94 6.14
C LEU A 338 12.99 -11.00 7.65
N GLY A 339 12.12 -10.39 8.45
CA GLY A 339 12.28 -10.41 9.89
C GLY A 339 11.91 -9.11 10.56
N HIS B 2 -27.85 -44.74 -16.41
CA HIS B 2 -29.00 -44.87 -15.52
C HIS B 2 -29.88 -43.63 -15.59
N MET B 3 -30.68 -43.43 -14.54
CA MET B 3 -31.35 -42.14 -14.37
C MET B 3 -30.40 -41.04 -13.94
N GLU B 4 -29.11 -41.32 -14.05
CA GLU B 4 -28.10 -40.29 -13.83
C GLU B 4 -28.17 -39.22 -14.90
N GLY B 5 -28.73 -39.55 -16.06
CA GLY B 5 -28.95 -38.60 -17.13
C GLY B 5 -30.15 -37.72 -16.84
N LEU B 6 -31.20 -38.31 -16.26
CA LEU B 6 -32.38 -37.54 -15.90
C LEU B 6 -32.08 -36.57 -14.77
N ALA B 7 -31.11 -36.91 -13.91
CA ALA B 7 -30.68 -35.97 -12.88
C ALA B 7 -30.00 -34.75 -13.48
N GLY B 8 -29.20 -34.94 -14.53
CA GLY B 8 -28.61 -33.81 -15.22
C GLY B 8 -29.64 -32.81 -15.70
N TYR B 9 -30.81 -33.30 -16.12
CA TYR B 9 -31.85 -32.40 -16.60
C TYR B 9 -32.51 -31.64 -15.46
N VAL B 10 -32.71 -32.30 -14.31
CA VAL B 10 -33.33 -31.61 -13.19
C VAL B 10 -32.36 -30.62 -12.57
N TYR B 11 -31.06 -30.90 -12.61
CA TYR B 11 -30.06 -29.92 -12.18
C TYR B 11 -30.02 -28.73 -13.14
N LYS B 12 -30.03 -29.01 -14.45
CA LYS B 12 -29.98 -27.94 -15.44
C LYS B 12 -31.17 -26.99 -15.30
N ALA B 13 -32.37 -27.54 -15.14
CA ALA B 13 -33.55 -26.69 -14.97
C ALA B 13 -33.47 -25.88 -13.68
N ALA B 14 -32.94 -26.49 -12.61
CA ALA B 14 -32.86 -25.80 -11.33
C ALA B 14 -31.83 -24.69 -11.35
N SER B 15 -30.63 -24.98 -11.86
CA SER B 15 -29.55 -24.00 -11.87
C SER B 15 -29.93 -22.76 -12.69
N GLU B 16 -30.63 -22.96 -13.81
CA GLU B 16 -31.02 -21.85 -14.66
C GLU B 16 -32.39 -21.26 -14.30
N GLY B 17 -33.06 -21.80 -13.30
CA GLY B 17 -34.30 -21.21 -12.83
C GLY B 17 -35.52 -21.43 -13.70
N LYS B 18 -35.59 -22.56 -14.41
CA LYS B 18 -36.70 -22.84 -15.30
C LYS B 18 -37.76 -23.65 -14.57
N VAL B 19 -38.55 -22.93 -13.76
CA VAL B 19 -39.65 -23.55 -13.01
C VAL B 19 -40.51 -24.41 -13.93
N LEU B 20 -40.85 -23.86 -15.10
CA LEU B 20 -41.66 -24.58 -16.07
C LEU B 20 -41.03 -25.91 -16.45
N THR B 21 -39.71 -25.93 -16.64
CA THR B 21 -39.02 -27.17 -16.98
C THR B 21 -38.97 -28.13 -15.80
N LEU B 22 -38.68 -27.61 -14.60
CA LEU B 22 -38.59 -28.45 -13.41
C LEU B 22 -39.88 -29.21 -13.16
N ALA B 23 -41.02 -28.51 -13.16
CA ALA B 23 -42.29 -29.17 -12.88
C ALA B 23 -42.59 -30.26 -13.91
N ALA B 24 -42.35 -29.96 -15.19
CA ALA B 24 -42.61 -30.96 -16.24
C ALA B 24 -41.70 -32.16 -16.08
N LEU B 25 -40.51 -31.97 -15.51
CA LEU B 25 -39.55 -33.07 -15.37
C LEU B 25 -39.90 -33.97 -14.20
N LEU B 26 -40.47 -33.39 -13.15
CA LEU B 26 -40.77 -34.11 -11.92
C LEU B 26 -42.21 -34.57 -11.85
N LEU B 27 -43.00 -34.33 -12.90
CA LEU B 27 -44.45 -34.42 -12.75
C LEU B 27 -44.89 -35.86 -12.66
N ASN B 28 -44.31 -36.76 -13.45
CA ASN B 28 -44.98 -38.03 -13.26
C ASN B 28 -43.96 -38.97 -12.68
N ARG B 29 -43.50 -38.73 -11.47
CA ARG B 29 -42.40 -39.54 -10.95
C ARG B 29 -42.76 -40.18 -9.62
N SER B 30 -42.39 -41.44 -9.48
CA SER B 30 -42.53 -42.10 -8.20
C SER B 30 -41.67 -41.41 -7.16
N GLU B 31 -42.14 -41.45 -5.93
CA GLU B 31 -41.46 -40.88 -4.78
C GLU B 31 -40.04 -41.40 -4.57
N SER B 32 -39.83 -42.67 -4.92
CA SER B 32 -38.49 -43.25 -4.90
C SER B 32 -37.59 -42.51 -5.88
N ASP B 33 -38.08 -42.30 -7.09
CA ASP B 33 -37.27 -41.64 -8.12
C ASP B 33 -37.07 -40.16 -7.79
N ILE B 34 -38.10 -39.48 -7.29
CA ILE B 34 -37.98 -38.04 -7.01
C ILE B 34 -36.95 -37.78 -5.92
N ARG B 35 -36.84 -38.69 -4.95
CA ARG B 35 -35.84 -38.49 -3.91
C ARG B 35 -34.44 -38.67 -4.48
N TYR B 36 -34.28 -39.56 -5.47
CA TYR B 36 -33.03 -39.65 -6.20
C TYR B 36 -32.77 -38.40 -7.04
N LEU B 37 -33.77 -38.00 -7.83
CA LEU B 37 -33.60 -36.87 -8.75
C LEU B 37 -33.26 -35.58 -8.02
N LEU B 38 -33.92 -35.32 -6.90
CA LEU B 38 -33.71 -34.07 -6.16
C LEU B 38 -32.60 -34.18 -5.12
N GLY B 39 -32.01 -35.36 -4.96
CA GLY B 39 -30.94 -35.55 -4.00
C GLY B 39 -29.64 -35.91 -4.67
N TYR B 40 -29.63 -35.86 -6.00
CA TYR B 40 -28.46 -36.24 -6.79
C TYR B 40 -27.36 -35.20 -6.63
N VAL B 41 -26.17 -35.65 -6.23
CA VAL B 41 -24.99 -34.79 -6.12
C VAL B 41 -24.38 -34.67 -7.51
N SER B 42 -24.46 -33.47 -8.09
CA SER B 42 -24.09 -33.22 -9.47
C SER B 42 -22.74 -32.51 -9.57
N GLN B 43 -21.91 -32.99 -10.48
CA GLN B 43 -20.56 -32.45 -10.67
C GLN B 43 -20.63 -31.50 -11.87
N GLN B 44 -20.63 -30.20 -11.60
CA GLN B 44 -20.64 -29.17 -12.63
C GLN B 44 -19.58 -28.12 -12.30
N GLY B 45 -18.41 -28.23 -12.93
CA GLY B 45 -17.29 -27.40 -12.53
C GLY B 45 -16.62 -27.95 -11.30
N GLY B 46 -16.42 -27.10 -10.30
CA GLY B 46 -15.88 -27.56 -9.04
C GLY B 46 -16.94 -27.61 -7.95
N GLN B 47 -18.20 -27.74 -8.35
CA GLN B 47 -19.32 -27.68 -7.43
C GLN B 47 -19.99 -29.05 -7.34
N ARG B 48 -20.09 -29.58 -6.13
CA ARG B 48 -20.89 -30.76 -5.84
C ARG B 48 -22.19 -30.25 -5.21
N SER B 49 -23.29 -30.34 -5.95
CA SER B 49 -24.52 -29.65 -5.57
C SER B 49 -25.74 -30.52 -5.81
N THR B 50 -26.83 -30.10 -5.19
CA THR B 50 -28.18 -30.62 -5.41
C THR B 50 -29.01 -29.54 -6.09
N PRO B 51 -30.09 -29.91 -6.78
CA PRO B 51 -30.95 -28.88 -7.40
C PRO B 51 -31.31 -27.72 -6.48
N LEU B 52 -31.59 -28.01 -5.21
CA LEU B 52 -31.95 -26.93 -4.28
C LEU B 52 -30.76 -26.03 -3.99
N ILE B 53 -29.58 -26.61 -3.74
CA ILE B 53 -28.42 -25.80 -3.39
C ILE B 53 -28.06 -24.86 -4.54
N ILE B 54 -28.02 -25.41 -5.76
CA ILE B 54 -27.70 -24.57 -6.92
C ILE B 54 -28.81 -23.54 -7.16
N ALA B 55 -30.08 -23.95 -7.02
CA ALA B 55 -31.18 -23.01 -7.18
C ALA B 55 -31.09 -21.87 -6.18
N ALA B 56 -30.60 -22.14 -4.98
CA ALA B 56 -30.46 -21.10 -3.96
C ALA B 56 -29.22 -20.25 -4.21
N ARG B 57 -28.10 -20.89 -4.55
CA ARG B 57 -26.88 -20.17 -4.87
C ARG B 57 -27.09 -19.22 -6.03
N ASN B 58 -27.96 -19.58 -6.97
CA ASN B 58 -28.21 -18.78 -8.17
C ASN B 58 -29.41 -17.87 -8.01
N GLY B 59 -30.00 -17.80 -6.82
CA GLY B 59 -31.07 -16.85 -6.54
C GLY B 59 -32.31 -17.01 -7.37
N HIS B 60 -32.65 -18.25 -7.74
CA HIS B 60 -33.90 -18.51 -8.44
C HIS B 60 -34.93 -18.87 -7.38
N ALA B 61 -35.46 -17.83 -6.72
CA ALA B 61 -36.44 -18.04 -5.67
C ALA B 61 -37.65 -18.77 -6.23
N LYS B 62 -38.06 -18.41 -7.45
CA LYS B 62 -39.15 -19.08 -8.14
C LYS B 62 -38.99 -20.59 -8.14
N VAL B 63 -37.76 -21.08 -8.37
CA VAL B 63 -37.52 -22.53 -8.36
C VAL B 63 -37.49 -23.06 -6.93
N VAL B 64 -36.89 -22.32 -6.00
CA VAL B 64 -36.74 -22.78 -4.63
C VAL B 64 -38.10 -22.96 -3.97
N ARG B 65 -39.07 -22.12 -4.32
CA ARG B 65 -40.43 -22.25 -3.80
C ARG B 65 -41.02 -23.62 -4.14
N LEU B 66 -41.01 -24.00 -5.41
CA LEU B 66 -41.57 -25.27 -5.87
C LEU B 66 -41.06 -26.45 -5.03
N LEU B 67 -39.75 -26.52 -4.83
CA LEU B 67 -39.16 -27.68 -4.15
C LEU B 67 -39.54 -27.74 -2.68
N LEU B 68 -39.52 -26.60 -1.99
CA LEU B 68 -39.81 -26.62 -0.55
C LEU B 68 -41.29 -26.81 -0.28
N GLU B 69 -42.15 -26.15 -1.06
CA GLU B 69 -43.59 -26.26 -0.85
C GLU B 69 -44.12 -27.63 -1.26
N HIS B 70 -44.15 -27.92 -2.56
CA HIS B 70 -44.76 -29.15 -3.04
C HIS B 70 -43.88 -30.37 -2.77
N TYR B 71 -42.71 -30.44 -3.42
CA TYR B 71 -41.90 -31.66 -3.36
C TYR B 71 -41.20 -31.85 -2.02
N ARG B 72 -41.33 -30.90 -1.09
CA ARG B 72 -40.85 -31.01 0.29
C ARG B 72 -39.44 -31.60 0.35
N VAL B 73 -38.48 -30.80 -0.11
CA VAL B 73 -37.08 -31.20 -0.14
C VAL B 73 -36.42 -30.84 1.19
N GLN B 74 -35.56 -31.73 1.68
CA GLN B 74 -34.92 -31.53 2.97
C GLN B 74 -33.93 -30.38 2.87
N THR B 75 -34.14 -29.35 3.70
CA THR B 75 -33.34 -28.13 3.63
C THR B 75 -31.94 -28.28 4.21
N GLN B 76 -31.63 -29.43 4.82
CA GLN B 76 -30.35 -29.64 5.48
C GLN B 76 -29.25 -30.09 4.52
N GLN B 77 -29.56 -30.18 3.23
CA GLN B 77 -28.59 -30.68 2.26
C GLN B 77 -27.39 -29.74 2.14
N THR B 78 -26.20 -30.32 2.22
CA THR B 78 -24.96 -29.57 2.06
C THR B 78 -24.25 -30.04 0.80
N GLY B 79 -23.44 -29.16 0.24
CA GLY B 79 -22.62 -29.48 -0.90
C GLY B 79 -21.37 -28.64 -0.87
N THR B 80 -20.56 -28.77 -1.92
CA THR B 80 -19.37 -27.96 -2.11
C THR B 80 -19.62 -27.06 -3.31
N VAL B 81 -19.67 -25.75 -3.08
CA VAL B 81 -20.00 -24.80 -4.12
C VAL B 81 -18.84 -23.82 -4.30
N ARG B 82 -18.93 -23.04 -5.37
CA ARG B 82 -17.89 -22.10 -5.75
C ARG B 82 -18.42 -20.68 -5.60
N PHE B 83 -17.65 -19.83 -4.91
CA PHE B 83 -17.99 -18.42 -4.70
C PHE B 83 -16.79 -17.61 -5.15
N ASP B 84 -16.92 -16.91 -6.27
CA ASP B 84 -15.82 -16.17 -6.86
C ASP B 84 -14.72 -17.18 -7.17
N GLY B 85 -13.62 -17.15 -6.43
CA GLY B 85 -12.50 -17.98 -6.77
C GLY B 85 -12.12 -19.03 -5.74
N TYR B 86 -12.84 -19.07 -4.63
CA TYR B 86 -12.54 -19.98 -3.53
C TYR B 86 -13.65 -21.02 -3.40
N VAL B 87 -13.24 -22.28 -3.37
CA VAL B 87 -14.17 -23.40 -3.19
C VAL B 87 -14.52 -23.54 -1.71
N ILE B 88 -15.82 -23.58 -1.41
CA ILE B 88 -16.31 -23.76 -0.05
C ILE B 88 -17.05 -25.09 0.02
N ASP B 89 -16.64 -25.95 0.96
CA ASP B 89 -17.26 -27.24 1.18
C ASP B 89 -18.10 -27.19 2.44
N GLY B 90 -19.21 -27.93 2.44
CA GLY B 90 -20.15 -27.88 3.54
C GLY B 90 -21.20 -26.81 3.41
N ALA B 91 -21.36 -26.22 2.22
CA ALA B 91 -22.30 -25.13 2.03
C ALA B 91 -23.71 -25.67 1.89
N THR B 92 -24.62 -25.14 2.68
CA THR B 92 -26.03 -25.47 2.58
C THR B 92 -26.74 -24.44 1.70
N ALA B 93 -27.92 -24.83 1.21
CA ALA B 93 -28.70 -23.94 0.34
C ALA B 93 -28.85 -22.55 0.97
N LEU B 94 -28.99 -22.50 2.30
CA LEU B 94 -29.12 -21.23 2.99
C LEU B 94 -27.81 -20.44 2.94
N TRP B 95 -26.68 -21.12 3.15
CA TRP B 95 -25.39 -20.44 3.14
C TRP B 95 -25.06 -19.89 1.75
N CYS B 96 -25.33 -20.68 0.71
CA CYS B 96 -25.18 -20.17 -0.65
C CYS B 96 -26.12 -19.00 -0.91
N ALA B 97 -27.36 -19.10 -0.42
CA ALA B 97 -28.31 -18.01 -0.64
C ALA B 97 -27.94 -16.76 0.15
N ALA B 98 -27.17 -16.91 1.24
CA ALA B 98 -26.78 -15.78 2.07
C ALA B 98 -25.51 -15.11 1.57
N GLY B 99 -24.50 -15.91 1.23
CA GLY B 99 -23.29 -15.35 0.66
C GLY B 99 -23.53 -14.63 -0.65
N ALA B 100 -24.36 -15.21 -1.52
CA ALA B 100 -24.67 -14.59 -2.80
C ALA B 100 -25.67 -13.45 -2.69
N GLY B 101 -26.07 -13.07 -1.47
CA GLY B 101 -26.98 -11.95 -1.29
C GLY B 101 -28.33 -12.11 -1.97
N HIS B 102 -28.88 -13.32 -1.95
CA HIS B 102 -30.17 -13.59 -2.58
C HIS B 102 -31.26 -13.43 -1.53
N PHE B 103 -31.63 -12.16 -1.30
CA PHE B 103 -32.66 -11.72 -0.36
C PHE B 103 -33.81 -12.70 -0.20
N GLU B 104 -34.56 -12.89 -1.28
CA GLU B 104 -35.79 -13.67 -1.24
C GLU B 104 -35.53 -15.12 -0.85
N VAL B 105 -34.50 -15.72 -1.43
CA VAL B 105 -34.22 -17.13 -1.21
C VAL B 105 -33.91 -17.41 0.26
N VAL B 106 -33.20 -16.49 0.92
CA VAL B 106 -32.95 -16.67 2.35
C VAL B 106 -34.26 -16.65 3.12
N LYS B 107 -35.09 -15.63 2.86
CA LYS B 107 -36.35 -15.50 3.57
C LYS B 107 -37.25 -16.71 3.33
N LEU B 108 -37.18 -17.33 2.15
CA LEU B 108 -38.03 -18.48 1.86
C LEU B 108 -37.55 -19.73 2.58
N LEU B 109 -36.24 -19.94 2.69
CA LEU B 109 -35.76 -21.20 3.26
C LEU B 109 -35.93 -21.23 4.78
N VAL B 110 -35.52 -20.16 5.47
CA VAL B 110 -35.65 -20.16 6.93
C VAL B 110 -37.11 -20.05 7.33
N SER B 111 -37.95 -19.42 6.50
CA SER B 111 -39.38 -19.43 6.79
C SER B 111 -39.94 -20.83 6.67
N HIS B 112 -39.40 -21.64 5.77
CA HIS B 112 -39.79 -23.04 5.64
C HIS B 112 -38.91 -23.95 6.49
N GLY B 113 -38.29 -23.43 7.56
CA GLY B 113 -37.68 -24.24 8.58
C GLY B 113 -36.21 -24.53 8.44
N ALA B 114 -35.45 -23.68 7.73
CA ALA B 114 -34.03 -23.91 7.52
C ALA B 114 -33.22 -23.57 8.78
N ASN B 115 -32.35 -24.49 9.18
CA ASN B 115 -31.45 -24.29 10.31
C ASN B 115 -30.45 -23.18 10.01
N VAL B 116 -30.70 -21.97 10.48
CA VAL B 116 -29.88 -20.79 10.18
C VAL B 116 -28.49 -20.85 10.80
N ASN B 117 -28.20 -21.91 11.57
CA ASN B 117 -26.93 -21.97 12.27
C ASN B 117 -26.09 -23.20 11.91
N HIS B 118 -26.36 -23.82 10.76
CA HIS B 118 -25.45 -24.81 10.24
C HIS B 118 -24.24 -24.13 9.61
N THR B 119 -23.11 -24.82 9.67
CA THR B 119 -21.83 -24.21 9.36
C THR B 119 -21.10 -24.96 8.24
N THR B 120 -20.28 -24.22 7.50
CA THR B 120 -19.37 -24.83 6.54
C THR B 120 -18.29 -25.59 7.32
N VAL B 121 -17.28 -26.09 6.61
CA VAL B 121 -16.19 -26.78 7.29
C VAL B 121 -15.31 -25.77 8.05
N THR B 122 -15.21 -24.54 7.56
CA THR B 122 -14.54 -23.48 8.31
C THR B 122 -15.44 -22.92 9.40
N ASN B 123 -16.68 -23.40 9.48
CA ASN B 123 -17.66 -22.97 10.48
C ASN B 123 -18.04 -21.50 10.28
N SER B 124 -18.28 -21.12 9.03
CA SER B 124 -18.87 -19.84 8.71
C SER B 124 -20.38 -20.03 8.65
N THR B 125 -21.09 -19.31 9.48
CA THR B 125 -22.53 -19.37 9.45
C THR B 125 -23.09 -18.62 8.25
N PRO B 126 -24.33 -18.92 7.85
CA PRO B 126 -25.01 -18.04 6.89
C PRO B 126 -24.97 -16.58 7.31
N LEU B 127 -25.04 -16.30 8.62
CA LEU B 127 -24.90 -14.93 9.09
C LEU B 127 -23.52 -14.36 8.81
N ARG B 128 -22.46 -15.18 8.98
CA ARG B 128 -21.11 -14.71 8.68
C ARG B 128 -20.96 -14.34 7.22
N ALA B 129 -21.37 -15.25 6.32
CA ALA B 129 -21.39 -14.94 4.90
C ALA B 129 -22.02 -13.57 4.63
N ALA B 130 -23.19 -13.33 5.22
CA ALA B 130 -23.85 -12.04 5.05
C ALA B 130 -23.03 -10.90 5.66
N CYS B 131 -22.33 -11.17 6.77
CA CYS B 131 -21.49 -10.15 7.39
C CYS B 131 -20.23 -9.89 6.57
N PHE B 132 -19.68 -10.92 5.94
CA PHE B 132 -18.53 -10.75 5.06
C PHE B 132 -18.86 -9.80 3.92
N ASP B 133 -19.94 -10.08 3.19
CA ASP B 133 -20.40 -9.24 2.09
C ASP B 133 -21.17 -8.00 2.55
N GLY B 134 -21.47 -7.88 3.83
CA GLY B 134 -22.13 -6.69 4.36
C GLY B 134 -23.53 -6.44 3.82
N ARG B 135 -24.28 -7.50 3.50
CA ARG B 135 -25.67 -7.32 3.10
C ARG B 135 -26.50 -7.12 4.38
N LEU B 136 -26.95 -5.89 4.60
CA LEU B 136 -27.58 -5.51 5.86
C LEU B 136 -28.92 -6.20 6.05
N ASP B 137 -29.69 -6.38 4.97
CA ASP B 137 -31.01 -6.98 5.10
C ASP B 137 -30.93 -8.43 5.56
N ILE B 138 -29.98 -9.19 5.04
CA ILE B 138 -29.86 -10.59 5.46
C ILE B 138 -29.22 -10.69 6.84
N VAL B 139 -28.38 -9.72 7.22
CA VAL B 139 -27.81 -9.72 8.56
C VAL B 139 -28.90 -9.42 9.58
N LYS B 140 -29.76 -8.46 9.28
CA LYS B 140 -30.91 -8.17 10.16
C LYS B 140 -31.87 -9.35 10.19
N TYR B 141 -32.15 -9.93 9.03
CA TYR B 141 -33.14 -11.00 8.94
C TYR B 141 -32.75 -12.21 9.80
N LEU B 142 -31.51 -12.68 9.66
CA LEU B 142 -31.12 -13.92 10.34
C LEU B 142 -31.13 -13.76 11.86
N VAL B 143 -30.62 -12.64 12.38
CA VAL B 143 -30.54 -12.48 13.83
C VAL B 143 -31.93 -12.43 14.44
N GLU B 144 -32.86 -11.68 13.83
CA GLU B 144 -34.23 -11.66 14.32
C GLU B 144 -35.00 -12.92 13.94
N ASN B 145 -34.34 -13.85 13.25
CA ASN B 145 -34.84 -15.21 13.06
C ASN B 145 -33.97 -16.17 13.85
N ASN B 146 -33.37 -15.65 14.92
CA ASN B 146 -32.75 -16.41 15.99
C ASN B 146 -31.42 -17.03 15.57
N ALA B 147 -30.74 -16.38 14.63
CA ALA B 147 -29.38 -16.77 14.27
C ALA B 147 -28.42 -16.36 15.37
N ASN B 148 -27.37 -17.16 15.52
CA ASN B 148 -26.44 -17.00 16.62
C ASN B 148 -25.26 -16.14 16.17
N ILE B 149 -25.30 -14.86 16.55
CA ILE B 149 -24.19 -13.95 16.29
C ILE B 149 -22.87 -14.42 16.91
N SER B 150 -22.92 -15.34 17.89
CA SER B 150 -21.71 -15.66 18.66
C SER B 150 -20.86 -16.75 18.02
N ILE B 151 -21.48 -17.64 17.26
CA ILE B 151 -20.76 -18.76 16.64
C ILE B 151 -19.78 -18.22 15.61
N ALA B 152 -18.50 -18.53 15.80
CA ALA B 152 -17.42 -17.97 15.00
C ALA B 152 -16.76 -19.05 14.14
N ASN B 153 -15.88 -18.60 13.24
CA ASN B 153 -15.20 -19.49 12.31
C ASN B 153 -14.16 -20.33 13.07
N LYS B 154 -13.50 -21.23 12.32
CA LYS B 154 -12.44 -22.09 12.83
C LYS B 154 -11.42 -21.34 13.67
N TYR B 155 -11.08 -20.12 13.26
CA TYR B 155 -10.05 -19.33 13.91
C TYR B 155 -10.61 -18.33 14.90
N ASP B 156 -11.83 -18.57 15.40
CA ASP B 156 -12.52 -17.72 16.38
C ASP B 156 -12.82 -16.34 15.83
N ASN B 157 -12.59 -16.12 14.53
CA ASN B 157 -12.92 -14.89 13.83
C ASN B 157 -14.43 -14.78 13.70
N THR B 158 -15.04 -13.83 14.41
CA THR B 158 -16.48 -13.69 14.49
C THR B 158 -17.02 -12.75 13.42
N CYS B 159 -18.34 -12.81 13.22
CA CYS B 159 -19.02 -11.93 12.26
C CYS B 159 -18.70 -10.46 12.50
N LEU B 160 -18.59 -10.06 13.77
CA LEU B 160 -18.27 -8.66 14.07
C LEU B 160 -16.86 -8.31 13.61
N MET B 161 -15.92 -9.23 13.79
CA MET B 161 -14.55 -8.99 13.35
C MET B 161 -14.48 -8.88 11.83
N ILE B 162 -15.09 -9.82 11.12
CA ILE B 162 -15.02 -9.81 9.67
C ILE B 162 -15.80 -8.65 9.09
N ALA B 163 -16.87 -8.21 9.76
CA ALA B 163 -17.60 -7.03 9.29
C ALA B 163 -16.76 -5.77 9.43
N ALA B 164 -15.85 -5.74 10.41
CA ALA B 164 -15.00 -4.58 10.61
C ALA B 164 -13.88 -4.51 9.57
N TYR B 165 -13.21 -5.64 9.32
CA TYR B 165 -12.12 -5.66 8.35
C TYR B 165 -12.61 -5.20 6.98
N LYS B 166 -13.71 -5.76 6.50
CA LYS B 166 -14.29 -5.31 5.24
C LYS B 166 -14.98 -3.94 5.35
N GLY B 167 -15.23 -3.46 6.56
CA GLY B 167 -15.66 -2.08 6.75
C GLY B 167 -17.14 -1.79 6.61
N HIS B 168 -18.02 -2.78 6.80
CA HIS B 168 -19.46 -2.56 6.76
C HIS B 168 -19.89 -1.86 8.04
N THR B 169 -19.77 -0.52 8.03
CA THR B 169 -20.09 0.28 9.21
C THR B 169 -21.49 0.00 9.74
N ASP B 170 -22.50 0.05 8.87
CA ASP B 170 -23.88 -0.13 9.33
C ASP B 170 -24.10 -1.52 9.91
N VAL B 171 -23.57 -2.55 9.25
CA VAL B 171 -23.69 -3.91 9.78
C VAL B 171 -22.95 -4.04 11.10
N VAL B 172 -21.81 -3.36 11.23
CA VAL B 172 -21.01 -3.46 12.46
C VAL B 172 -21.78 -2.87 13.64
N ARG B 173 -22.44 -1.73 13.44
CA ARG B 173 -23.15 -1.11 14.54
C ARG B 173 -24.40 -1.91 14.91
N TYR B 174 -25.05 -2.52 13.90
CA TYR B 174 -26.20 -3.38 14.19
C TYR B 174 -25.85 -4.50 15.15
N LEU B 175 -24.75 -5.23 14.88
CA LEU B 175 -24.38 -6.34 15.75
C LEU B 175 -23.96 -5.85 17.13
N LEU B 176 -23.34 -4.66 17.18
CA LEU B 176 -23.01 -4.08 18.48
C LEU B 176 -24.27 -3.78 19.28
N GLU B 177 -25.31 -3.27 18.60
CA GLU B 177 -26.58 -2.99 19.28
C GLU B 177 -27.23 -4.28 19.79
N GLN B 178 -27.25 -5.32 18.95
CA GLN B 178 -27.72 -6.65 19.36
C GLN B 178 -26.82 -7.27 20.42
N ARG B 179 -25.86 -6.51 20.91
CA ARG B 179 -25.01 -6.88 22.05
C ARG B 179 -24.09 -8.05 21.66
N ALA B 180 -23.37 -7.87 20.56
CA ALA B 180 -22.28 -8.78 20.24
C ALA B 180 -21.04 -8.35 21.00
N ASP B 181 -20.23 -9.33 21.38
CA ASP B 181 -19.09 -9.00 22.23
C ASP B 181 -17.96 -8.39 21.41
N PRO B 182 -17.65 -7.11 21.61
CA PRO B 182 -16.56 -6.48 20.85
C PRO B 182 -15.17 -6.83 21.37
N ASN B 183 -15.07 -7.75 22.32
CA ASN B 183 -13.81 -8.12 22.93
C ASN B 183 -13.43 -9.58 22.64
N ALA B 184 -14.14 -10.25 21.74
CA ALA B 184 -13.72 -11.58 21.31
C ALA B 184 -12.34 -11.51 20.66
N LYS B 185 -11.61 -12.62 20.76
CA LYS B 185 -10.24 -12.70 20.26
C LYS B 185 -10.13 -13.87 19.29
N ALA B 186 -9.39 -13.66 18.20
CA ALA B 186 -9.17 -14.70 17.21
C ALA B 186 -7.99 -15.59 17.61
N HIS B 187 -7.77 -16.64 16.81
CA HIS B 187 -6.56 -17.44 16.95
C HIS B 187 -5.32 -16.57 16.75
N CYS B 188 -5.47 -15.49 15.99
CA CYS B 188 -4.40 -14.51 15.85
C CYS B 188 -4.19 -13.73 17.12
N GLY B 189 -5.23 -13.58 17.95
CA GLY B 189 -5.24 -12.63 19.03
C GLY B 189 -5.95 -11.33 18.71
N ALA B 190 -6.35 -11.15 17.46
CA ALA B 190 -6.91 -9.88 17.02
C ALA B 190 -8.30 -9.66 17.61
N THR B 191 -8.55 -8.43 18.03
CA THR B 191 -9.89 -7.99 18.41
C THR B 191 -10.57 -7.40 17.17
N ALA B 192 -11.89 -7.19 17.26
CA ALA B 192 -12.57 -6.50 16.18
C ALA B 192 -11.96 -5.12 15.94
N LEU B 193 -11.52 -4.47 17.02
CA LEU B 193 -10.86 -3.18 16.91
C LEU B 193 -9.55 -3.29 16.15
N HIS B 194 -8.68 -4.22 16.56
CA HIS B 194 -7.44 -4.55 15.85
C HIS B 194 -7.66 -4.60 14.34
N PHE B 195 -8.76 -5.23 13.92
CA PHE B 195 -9.04 -5.36 12.49
C PHE B 195 -9.42 -4.02 11.88
N ALA B 196 -10.39 -3.33 12.47
CA ALA B 196 -10.79 -2.03 11.96
C ALA B 196 -9.64 -1.03 11.94
N ALA B 197 -8.67 -1.20 12.84
CA ALA B 197 -7.53 -0.29 12.89
C ALA B 197 -6.63 -0.48 11.68
N GLU B 198 -6.30 -1.73 11.33
CA GLU B 198 -5.46 -1.99 10.17
C GLU B 198 -6.07 -1.39 8.89
N ALA B 199 -7.38 -1.51 8.74
CA ALA B 199 -8.07 -1.03 7.54
C ALA B 199 -8.54 0.41 7.67
N GLY B 200 -8.29 1.05 8.80
CA GLY B 200 -8.62 2.45 8.98
C GLY B 200 -10.09 2.77 8.83
N HIS B 201 -10.97 1.88 9.25
CA HIS B 201 -12.40 2.16 9.23
C HIS B 201 -12.71 2.97 10.48
N ILE B 202 -12.45 4.28 10.36
CA ILE B 202 -12.50 5.20 11.49
C ILE B 202 -13.88 5.21 12.15
N ASP B 203 -14.95 5.25 11.34
CA ASP B 203 -16.29 5.29 11.90
C ASP B 203 -16.61 4.02 12.67
N ILE B 204 -16.14 2.88 12.18
CA ILE B 204 -16.29 1.63 12.89
C ILE B 204 -15.50 1.67 14.19
N VAL B 205 -14.29 2.24 14.16
CA VAL B 205 -13.48 2.34 15.37
C VAL B 205 -14.19 3.16 16.44
N LYS B 206 -14.84 4.24 16.04
CA LYS B 206 -15.61 5.04 17.00
C LYS B 206 -16.83 4.27 17.49
N GLU B 207 -17.50 3.56 16.59
CA GLU B 207 -18.67 2.76 16.96
C GLU B 207 -18.30 1.72 18.02
N LEU B 208 -17.22 0.98 17.80
CA LEU B 208 -16.79 -0.02 18.78
C LEU B 208 -16.50 0.61 20.14
N ILE B 209 -15.90 1.81 20.14
CA ILE B 209 -15.56 2.45 21.41
C ILE B 209 -16.83 2.92 22.13
N LYS B 210 -17.77 3.50 21.38
CA LYS B 210 -19.07 3.87 21.92
C LYS B 210 -19.75 2.69 22.61
N TRP B 211 -19.45 1.47 22.19
CA TRP B 211 -20.06 0.27 22.75
C TRP B 211 -19.04 -0.45 23.64
N ARG B 212 -18.59 0.34 24.62
CA ARG B 212 -17.63 -0.04 25.64
C ARG B 212 -16.69 -1.15 25.21
N ALA B 213 -15.93 -0.91 24.16
CA ALA B 213 -14.95 -1.90 23.73
C ALA B 213 -13.69 -1.68 24.54
N ALA B 214 -12.94 -2.75 24.76
CA ALA B 214 -11.83 -2.73 25.67
C ALA B 214 -10.53 -2.77 24.90
N ILE B 215 -9.56 -1.98 25.34
CA ILE B 215 -8.25 -1.99 24.73
C ILE B 215 -7.46 -3.13 25.34
N VAL B 216 -6.99 -4.04 24.50
CA VAL B 216 -6.24 -5.19 24.94
C VAL B 216 -5.12 -5.36 23.93
N VAL B 217 -3.96 -5.81 24.40
CA VAL B 217 -2.86 -6.04 23.47
C VAL B 217 -3.31 -7.16 22.55
N ASN B 218 -3.08 -6.98 21.25
CA ASN B 218 -3.05 -8.08 20.31
C ASN B 218 -2.30 -9.18 21.04
N GLY B 219 -3.02 -10.20 21.47
CA GLY B 219 -2.50 -11.25 22.32
C GLY B 219 -1.19 -11.81 21.80
N HIS B 220 -0.97 -11.60 20.51
CA HIS B 220 0.19 -12.07 19.79
C HIS B 220 0.97 -10.92 19.15
N GLY B 221 1.03 -9.75 19.78
CA GLY B 221 1.78 -8.64 19.22
C GLY B 221 1.66 -7.25 19.83
N MET B 222 0.71 -6.44 19.34
CA MET B 222 0.71 -4.99 19.54
C MET B 222 -0.57 -4.50 20.21
N THR B 223 -0.79 -3.20 20.27
CA THR B 223 -2.10 -2.66 20.62
C THR B 223 -2.85 -2.25 19.36
N PRO B 224 -4.17 -2.09 19.41
CA PRO B 224 -4.89 -1.57 18.24
C PRO B 224 -4.37 -0.22 17.77
N LEU B 225 -3.78 0.56 18.68
CA LEU B 225 -3.18 1.82 18.29
C LEU B 225 -1.97 1.61 17.38
N LYS B 226 -1.08 0.69 17.76
CA LYS B 226 0.13 0.47 16.97
C LYS B 226 -0.14 -0.28 15.68
N VAL B 227 -1.19 -1.10 15.62
CA VAL B 227 -1.58 -1.64 14.32
C VAL B 227 -2.10 -0.54 13.42
N ALA B 228 -2.76 0.49 14.00
CA ALA B 228 -3.12 1.66 13.21
C ALA B 228 -1.87 2.39 12.73
N ALA B 229 -0.87 2.54 13.61
CA ALA B 229 0.35 3.25 13.26
C ALA B 229 1.11 2.52 12.15
N GLU B 230 1.42 1.24 12.37
CA GLU B 230 2.13 0.48 11.35
C GLU B 230 1.33 0.36 10.07
N SER B 231 0.00 0.29 10.16
CA SER B 231 -0.80 0.36 8.95
C SER B 231 -0.84 1.76 8.34
N CYS B 232 -0.28 2.76 9.04
CA CYS B 232 -0.15 4.15 8.61
C CYS B 232 -1.48 4.91 8.59
N LYS B 233 -2.55 4.36 9.14
CA LYS B 233 -3.84 5.04 9.15
C LYS B 233 -3.83 6.12 10.23
N ALA B 234 -3.47 7.34 9.82
CA ALA B 234 -3.12 8.39 10.78
C ALA B 234 -4.33 8.91 11.54
N ASP B 235 -5.41 9.25 10.82
CA ASP B 235 -6.62 9.73 11.48
C ASP B 235 -7.07 8.74 12.56
N VAL B 236 -7.03 7.45 12.26
CA VAL B 236 -7.31 6.41 13.24
C VAL B 236 -6.32 6.48 14.40
N VAL B 237 -5.03 6.70 14.10
CA VAL B 237 -4.01 6.74 15.15
C VAL B 237 -4.30 7.82 16.18
N GLU B 238 -4.87 8.95 15.75
CA GLU B 238 -5.11 10.07 16.66
C GLU B 238 -6.42 9.92 17.42
N LEU B 239 -7.46 9.44 16.74
CA LEU B 239 -8.68 9.00 17.41
C LEU B 239 -8.36 8.20 18.67
N LEU B 240 -7.62 7.10 18.51
CA LEU B 240 -7.29 6.26 19.67
C LEU B 240 -6.38 6.99 20.65
N LEU B 241 -5.64 8.00 20.19
CA LEU B 241 -4.80 8.76 21.10
C LEU B 241 -5.57 9.84 21.86
N SER B 242 -6.90 9.88 21.71
CA SER B 242 -7.75 10.75 22.52
C SER B 242 -8.59 9.93 23.48
N HIS B 243 -8.08 8.75 23.84
CA HIS B 243 -8.65 7.88 24.87
C HIS B 243 -7.46 7.38 25.67
N ALA B 244 -7.74 6.78 26.83
CA ALA B 244 -6.69 6.50 27.82
C ALA B 244 -5.44 5.89 27.20
N ASP B 245 -4.34 6.66 27.19
CA ASP B 245 -3.07 6.28 26.60
C ASP B 245 -2.02 6.07 27.70
N CYS B 246 -0.75 6.27 27.35
CA CYS B 246 0.37 6.11 28.28
C CYS B 246 1.20 7.39 28.27
N ASP B 247 0.71 8.40 29.01
CA ASP B 247 1.46 9.60 29.37
C ASP B 247 2.36 10.11 28.26
N ARG B 248 3.62 9.69 28.26
CA ARG B 248 4.53 9.84 27.14
C ARG B 248 4.89 8.51 26.51
N ARG B 249 5.20 7.49 27.34
CA ARG B 249 5.77 6.21 26.92
C ARG B 249 5.15 5.57 25.68
N SER B 250 4.19 4.66 25.88
CA SER B 250 3.56 3.98 24.75
C SER B 250 2.97 4.97 23.74
N ARG B 251 2.50 6.12 24.20
CA ARG B 251 1.89 7.09 23.30
C ARG B 251 2.88 7.55 22.21
N ILE B 252 4.10 7.90 22.62
CA ILE B 252 5.08 8.38 21.65
C ILE B 252 5.54 7.24 20.76
N GLU B 253 5.47 6.01 21.26
CA GLU B 253 5.88 4.86 20.45
C GLU B 253 4.99 4.73 19.22
N ALA B 254 3.71 5.06 19.36
CA ALA B 254 2.81 5.05 18.21
C ALA B 254 3.21 6.12 17.21
N LEU B 255 3.40 7.36 17.69
CA LEU B 255 3.81 8.45 16.81
C LEU B 255 5.10 8.11 16.08
N GLU B 256 6.08 7.57 16.78
CA GLU B 256 7.34 7.17 16.15
C GLU B 256 7.08 6.19 14.99
N LEU B 257 6.27 5.15 15.25
CA LEU B 257 6.01 4.15 14.22
C LEU B 257 5.06 4.67 13.15
N LEU B 258 4.11 5.55 13.51
CA LEU B 258 3.25 6.17 12.51
C LEU B 258 4.08 6.99 11.53
N GLY B 259 4.94 7.86 12.05
CA GLY B 259 5.84 8.60 11.17
C GLY B 259 6.79 7.70 10.42
N ALA B 260 7.18 6.58 11.04
CA ALA B 260 8.03 5.62 10.35
C ALA B 260 7.29 4.88 9.25
N SER B 261 5.96 4.80 9.33
CA SER B 261 5.18 4.12 8.31
C SER B 261 4.75 5.05 7.19
N PHE B 262 4.83 6.36 7.41
CA PHE B 262 4.66 7.31 6.32
C PHE B 262 5.86 7.27 5.40
N ALA B 263 6.96 6.68 5.85
CA ALA B 263 8.20 6.55 5.10
C ALA B 263 8.27 5.24 4.33
N ASN B 264 8.11 4.10 5.02
CA ASN B 264 8.58 2.84 4.45
C ASN B 264 7.72 2.31 3.31
N ASP B 265 6.41 2.52 3.32
CA ASP B 265 5.58 1.99 2.23
C ASP B 265 5.44 3.05 1.13
N ARG B 266 5.81 2.68 -0.11
CA ARG B 266 5.81 3.63 -1.22
C ARG B 266 4.42 4.07 -1.62
N GLU B 267 3.38 3.33 -1.24
CA GLU B 267 2.02 3.64 -1.65
C GLU B 267 1.56 4.98 -1.11
N ASN B 268 1.64 5.18 0.20
CA ASN B 268 1.20 6.44 0.80
C ASN B 268 2.37 7.15 1.44
N TYR B 269 3.48 7.23 0.73
CA TYR B 269 4.72 7.76 1.28
C TYR B 269 4.64 9.28 1.31
N ASP B 270 4.79 9.86 2.49
CA ASP B 270 4.81 11.31 2.66
C ASP B 270 5.92 11.62 3.67
N ILE B 271 7.07 12.09 3.16
CA ILE B 271 8.20 12.37 4.04
C ILE B 271 7.91 13.58 4.92
N ILE B 272 6.99 14.46 4.49
CA ILE B 272 6.64 15.61 5.33
C ILE B 272 5.98 15.15 6.61
N LYS B 273 5.05 14.19 6.52
CA LYS B 273 4.42 13.66 7.72
C LYS B 273 5.29 12.62 8.41
N THR B 274 6.23 12.01 7.68
CA THR B 274 7.28 11.21 8.32
C THR B 274 8.07 12.07 9.32
N TYR B 275 8.41 13.29 8.93
CA TYR B 275 9.09 14.18 9.88
C TYR B 275 8.11 14.72 10.91
N HIS B 276 6.96 15.19 10.45
CA HIS B 276 5.94 15.80 11.31
C HIS B 276 5.68 14.95 12.56
N TYR B 277 5.39 13.67 12.38
CA TYR B 277 5.13 12.79 13.53
C TYR B 277 6.40 12.43 14.30
N LEU B 278 7.51 12.23 13.59
CA LEU B 278 8.76 11.89 14.27
C LEU B 278 9.24 13.05 15.14
N TYR B 279 9.08 14.28 14.67
CA TYR B 279 9.49 15.44 15.45
C TYR B 279 8.60 15.62 16.68
N LEU B 280 7.28 15.52 16.50
CA LEU B 280 6.39 15.71 17.64
C LEU B 280 6.59 14.62 18.68
N ALA B 281 7.01 13.43 18.24
CA ALA B 281 7.37 12.40 19.22
C ALA B 281 8.52 12.86 20.10
N MET B 282 9.53 13.51 19.50
CA MET B 282 10.67 13.97 20.28
C MET B 282 10.28 15.13 21.19
N LEU B 283 9.39 15.99 20.72
CA LEU B 283 8.84 17.03 21.59
C LEU B 283 8.25 16.41 22.85
N GLU B 284 7.48 15.34 22.69
CA GLU B 284 6.88 14.64 23.83
C GLU B 284 7.88 13.75 24.53
N ARG B 285 9.17 14.07 24.43
CA ARG B 285 10.22 13.30 25.07
C ARG B 285 11.20 14.15 25.84
N PHE B 286 11.07 15.48 25.77
CA PHE B 286 11.94 16.36 26.52
C PHE B 286 11.15 17.41 27.30
N GLN B 287 9.81 17.36 27.26
CA GLN B 287 8.87 18.33 27.82
C GLN B 287 9.38 18.92 29.13
N ASP B 288 9.08 18.23 30.22
CA ASP B 288 9.53 18.57 31.56
C ASP B 288 10.23 17.36 32.15
N GLY B 289 11.05 17.61 33.15
CA GLY B 289 11.73 16.53 33.85
C GLY B 289 13.23 16.57 33.67
N ILE B 292 13.31 13.48 31.39
CA ILE B 292 13.15 13.27 29.95
C ILE B 292 13.42 11.80 29.62
N LEU B 293 13.32 11.41 28.34
CA LEU B 293 13.25 10.00 27.98
C LEU B 293 13.88 9.83 26.60
N GLU B 294 15.07 9.24 26.54
CA GLU B 294 15.83 9.19 25.31
C GLU B 294 15.62 7.85 24.60
N LYS B 295 16.41 7.58 23.54
CA LYS B 295 16.32 6.38 22.72
C LYS B 295 17.66 5.66 22.54
N GLU B 296 17.78 4.39 22.92
CA GLU B 296 18.97 3.74 22.39
C GLU B 296 18.78 3.49 20.90
N VAL B 297 19.60 4.04 20.18
CA VAL B 297 19.69 3.83 18.77
C VAL B 297 20.70 2.72 18.51
N LEU B 298 20.52 2.08 17.38
CA LEU B 298 21.28 0.99 16.81
C LEU B 298 22.46 1.54 16.02
N PRO B 299 23.48 0.74 15.78
CA PRO B 299 24.61 1.17 14.95
C PRO B 299 24.14 1.61 13.58
N PRO B 300 24.96 2.35 12.83
CA PRO B 300 24.50 2.83 11.52
C PRO B 300 24.01 1.73 10.59
N ILE B 301 24.51 0.50 10.76
CA ILE B 301 24.16 -0.63 9.89
C ILE B 301 24.55 -0.27 8.46
N HIS B 302 25.68 -0.82 7.98
CA HIS B 302 26.08 -0.58 6.61
C HIS B 302 25.03 -1.15 5.67
N ALA B 303 24.11 -0.30 5.22
CA ALA B 303 22.94 -0.68 4.45
C ALA B 303 22.10 0.54 4.13
N TYR B 304 21.62 1.21 5.18
CA TYR B 304 20.99 2.51 5.02
C TYR B 304 22.06 3.59 4.99
N GLY B 305 23.05 3.43 4.12
CA GLY B 305 24.21 4.31 4.21
C GLY B 305 24.87 4.13 5.56
N ASN B 306 25.18 5.24 6.21
CA ASN B 306 25.61 5.24 7.61
C ASN B 306 24.72 6.15 8.45
N ARG B 307 23.50 6.44 8.00
CA ARG B 307 22.58 7.22 8.80
C ARG B 307 22.25 6.51 10.12
N THR B 308 22.18 7.31 11.19
CA THR B 308 21.83 6.83 12.51
C THR B 308 20.63 7.61 13.02
N GLU B 309 19.83 6.98 13.88
CA GLU B 309 18.61 7.60 14.36
C GLU B 309 18.94 8.80 15.24
N CYS B 310 18.16 9.86 15.10
CA CYS B 310 18.39 11.08 15.84
C CYS B 310 18.02 10.90 17.30
N ARG B 311 18.85 11.47 18.19
CA ARG B 311 18.63 11.44 19.62
C ARG B 311 18.17 12.78 20.18
N ASN B 312 18.47 13.90 19.50
CA ASN B 312 18.07 15.23 19.93
C ASN B 312 17.07 15.84 18.96
N PRO B 313 16.16 16.70 19.44
CA PRO B 313 15.27 17.43 18.52
C PRO B 313 16.02 18.24 17.48
N GLN B 314 17.05 18.98 17.88
CA GLN B 314 17.84 19.72 16.92
C GLN B 314 18.41 18.81 15.84
N GLU B 315 18.74 17.58 16.20
CA GLU B 315 19.26 16.62 15.23
C GLU B 315 18.23 16.32 14.14
N LEU B 316 17.00 15.95 14.53
CA LEU B 316 15.97 15.71 13.52
C LEU B 316 15.50 16.99 12.85
N GLU B 317 15.76 18.15 13.47
CA GLU B 317 15.46 19.42 12.81
C GLU B 317 16.34 19.61 11.58
N SER B 318 17.65 19.33 11.74
CA SER B 318 18.60 19.41 10.63
C SER B 318 18.04 18.77 9.36
N ILE B 319 17.46 17.58 9.50
CA ILE B 319 17.04 16.80 8.33
C ILE B 319 15.73 17.26 7.72
N ARG B 320 15.06 18.26 8.29
CA ARG B 320 13.80 18.74 7.73
C ARG B 320 13.94 19.27 6.31
N GLN B 321 15.15 19.47 5.81
CA GLN B 321 15.36 19.87 4.42
C GLN B 321 15.70 18.72 3.49
N ASP B 322 16.02 17.54 4.02
CA ASP B 322 16.52 16.43 3.23
C ASP B 322 15.45 15.34 3.12
N ARG B 323 14.86 15.20 1.93
CA ARG B 323 13.94 14.08 1.69
C ARG B 323 14.64 12.75 1.87
N ASP B 324 15.74 12.54 1.12
CA ASP B 324 16.47 11.28 1.15
C ASP B 324 16.77 10.83 2.57
N ALA B 325 17.31 11.74 3.38
CA ALA B 325 17.73 11.37 4.73
C ALA B 325 16.52 11.12 5.62
N LEU B 326 15.48 11.93 5.48
CA LEU B 326 14.27 11.72 6.28
C LEU B 326 13.58 10.41 5.92
N HIS B 327 13.67 10.01 4.64
CA HIS B 327 13.07 8.75 4.21
C HIS B 327 13.78 7.55 4.84
N MET B 328 15.11 7.53 4.80
CA MET B 328 15.77 6.41 5.44
C MET B 328 15.85 6.58 6.94
N GLU B 329 15.72 7.82 7.44
CA GLU B 329 15.58 7.89 8.89
C GLU B 329 14.34 7.17 9.31
N GLY B 330 13.29 7.22 8.49
CA GLY B 330 12.08 6.47 8.78
C GLY B 330 12.30 4.98 8.68
N LEU B 331 12.94 4.51 7.60
CA LEU B 331 13.23 3.09 7.44
C LEU B 331 13.96 2.51 8.64
N ILE B 332 14.89 3.26 9.24
CA ILE B 332 15.60 2.79 10.43
C ILE B 332 14.74 3.03 11.69
N VAL B 333 14.00 4.16 11.77
CA VAL B 333 13.06 4.24 12.89
C VAL B 333 12.20 2.99 12.95
N ARG B 334 11.58 2.62 11.83
CA ARG B 334 10.70 1.46 11.81
C ARG B 334 11.45 0.19 12.24
N GLU B 335 12.65 -0.02 11.68
CA GLU B 335 13.35 -1.27 11.91
C GLU B 335 13.77 -1.49 13.36
N ARG B 336 13.94 -0.43 14.16
CA ARG B 336 14.30 -0.66 15.54
C ARG B 336 13.10 -1.13 16.36
N ILE B 337 11.89 -0.64 16.06
CA ILE B 337 10.76 -1.18 16.82
C ILE B 337 10.33 -2.54 16.27
N LEU B 338 10.43 -2.76 14.95
CA LEU B 338 9.97 -4.01 14.33
C LEU B 338 11.17 -4.72 13.72
N GLY B 339 11.88 -5.50 14.52
CA GLY B 339 13.00 -6.27 14.02
C GLY B 339 14.18 -6.33 14.98
#